data_1ODU
#
_entry.id   1ODU
#
_cell.length_a   179.080
_cell.length_b   179.080
_cell.length_c   174.692
_cell.angle_alpha   90.00
_cell.angle_beta   90.00
_cell.angle_gamma   120.00
#
_symmetry.space_group_name_H-M   'H 3 2'
#
loop_
_entity.id
_entity.type
_entity.pdbx_description
1 polymer 'PUTATIVE ALPHA-L-FUCOSIDASE'
2 non-polymer beta-L-fucopyranose
#
_entity_poly.entity_id   1
_entity_poly.type   'polypeptide(L)'
_entity_poly.pdbx_seq_one_letter_code
;MISMKPRYKPDWESLREHTVPKWFDKAKFGIFIHWGIYSVPGWATPTGELGKVPMDAWFFQNPYAEWYENSLRIKESPTW
EYHVKTYGENFEYEKFADLFTAEKWDPQEWADLFKKAGAKYVIPTTKHHDGFCLWGTKYTDFNSVKRGPKRDLVGDLAKA
VREAGLRFGVYYSGGLDWRFTTEPIRYPEDLSYIRPNTYEYADYAYKQVMELVDLYLPDVLWNDMGWPEKGKEDLKYLFA
YYYNKHPEGSVNDRWGVPHWDFKTAEYHVNYPGDLPGYKWEFTRGIGLSFGYNRNEGPEHMLSVEQLVYTLVDVVSKGGN
LLLNVGPKGDGTIPDLQKERLLGLGEWLRKYGDAIYGTSVWERCCAKTEDGTEIRFTRKCNRIFVIFLGIPTGEKIVIED
LNLSAGTVRHFLTGERLSFKNVGKNLEITVPKKLLETDSITLVLEAVEE
;
_entity_poly.pdbx_strand_id   A,B
#
loop_
_chem_comp.id
_chem_comp.type
_chem_comp.name
_chem_comp.formula
FUL L-saccharide, beta linking beta-L-fucopyranose 'C6 H12 O5'
#
# COMPACT_ATOMS: atom_id res chain seq x y z
N ARG A 7 14.52 -37.73 -0.13
CA ARG A 7 13.18 -37.72 -0.79
C ARG A 7 12.32 -36.61 -0.19
N TYR A 8 11.61 -35.88 -1.06
CA TYR A 8 10.73 -34.79 -0.68
C TYR A 8 9.31 -35.15 -1.09
N LYS A 9 8.37 -34.96 -0.18
CA LYS A 9 6.95 -35.19 -0.43
C LYS A 9 6.32 -33.91 -0.99
N PRO A 10 5.23 -34.04 -1.75
CA PRO A 10 4.56 -32.90 -2.35
C PRO A 10 3.60 -32.21 -1.38
N ASP A 11 4.15 -31.55 -0.37
CA ASP A 11 3.39 -30.68 0.52
C ASP A 11 4.32 -29.69 1.24
N TRP A 12 3.78 -28.52 1.57
CA TRP A 12 4.62 -27.40 2.03
C TRP A 12 5.45 -27.73 3.28
N GLU A 13 4.87 -28.46 4.22
CA GLU A 13 5.58 -28.84 5.45
C GLU A 13 6.82 -29.67 5.14
N SER A 14 6.71 -30.61 4.21
CA SER A 14 7.85 -31.42 3.79
C SER A 14 8.90 -30.65 3.01
N LEU A 15 8.46 -29.73 2.15
CA LEU A 15 9.38 -29.01 1.27
C LEU A 15 10.21 -27.97 2.03
N ARG A 16 9.78 -27.62 3.25
CA ARG A 16 10.53 -26.72 4.13
C ARG A 16 11.88 -27.32 4.52
N GLU A 17 11.94 -28.66 4.58
CA GLU A 17 13.19 -29.39 4.82
C GLU A 17 14.31 -29.06 3.83
N HIS A 18 13.95 -28.58 2.64
CA HIS A 18 14.93 -28.10 1.66
C HIS A 18 15.36 -26.67 1.96
N THR A 19 16.52 -26.53 2.58
CA THR A 19 17.14 -25.22 2.79
C THR A 19 17.93 -24.84 1.53
N VAL A 20 18.38 -23.58 1.47
CA VAL A 20 19.14 -23.10 0.31
C VAL A 20 20.43 -23.90 0.17
N PRO A 21 20.76 -24.33 -1.05
CA PRO A 21 21.98 -25.12 -1.27
C PRO A 21 23.25 -24.36 -0.93
N LYS A 22 24.25 -25.09 -0.46
CA LYS A 22 25.53 -24.48 -0.05
C LYS A 22 26.21 -23.74 -1.19
N TRP A 23 26.20 -24.29 -2.40
CA TRP A 23 26.85 -23.63 -3.55
C TRP A 23 26.31 -22.22 -3.79
N PHE A 24 25.00 -22.04 -3.64
CA PHE A 24 24.34 -20.77 -3.93
C PHE A 24 24.67 -19.71 -2.87
N ASP A 25 24.75 -20.14 -1.61
CA ASP A 25 25.12 -19.26 -0.52
C ASP A 25 26.56 -18.77 -0.69
N LYS A 26 27.42 -19.64 -1.22
CA LYS A 26 28.84 -19.35 -1.45
C LYS A 26 29.10 -18.64 -2.78
N ALA A 27 28.16 -18.74 -3.70
CA ALA A 27 28.35 -18.27 -5.08
C ALA A 27 28.62 -16.78 -5.13
N LYS A 28 27.78 -16.01 -4.44
CA LYS A 28 27.94 -14.57 -4.25
C LYS A 28 27.60 -13.71 -5.48
N PHE A 29 27.98 -14.15 -6.67
CA PHE A 29 27.85 -13.33 -7.87
C PHE A 29 27.40 -14.17 -9.06
N GLY A 30 26.37 -13.68 -9.74
CA GLY A 30 25.80 -14.36 -10.90
C GLY A 30 25.39 -13.38 -11.99
N ILE A 31 25.23 -13.90 -13.21
CA ILE A 31 24.85 -13.10 -14.37
C ILE A 31 23.40 -13.36 -14.76
N PHE A 32 22.60 -12.30 -14.75
CA PHE A 32 21.26 -12.32 -15.34
C PHE A 32 21.45 -12.05 -16.82
N ILE A 33 20.60 -12.62 -17.66
CA ILE A 33 20.60 -12.31 -19.09
C ILE A 33 19.18 -12.08 -19.59
N HIS A 34 18.84 -10.83 -19.85
CA HIS A 34 17.58 -10.51 -20.50
C HIS A 34 17.80 -10.39 -22.00
N TRP A 35 17.26 -11.36 -22.72
CA TRP A 35 17.50 -11.51 -24.14
C TRP A 35 16.27 -12.12 -24.77
N GLY A 36 15.70 -11.43 -25.74
CA GLY A 36 14.57 -11.94 -26.50
C GLY A 36 14.36 -11.20 -27.80
N ILE A 37 13.14 -11.24 -28.31
CA ILE A 37 12.81 -10.54 -29.55
C ILE A 37 12.67 -9.04 -29.30
N TYR A 38 12.49 -8.67 -28.02
CA TYR A 38 12.52 -7.27 -27.61
C TYR A 38 13.91 -6.63 -27.73
N SER A 39 14.95 -7.46 -27.83
CA SER A 39 16.31 -6.99 -28.07
C SER A 39 16.50 -6.42 -29.48
N VAL A 40 15.66 -6.85 -30.42
CA VAL A 40 15.73 -6.40 -31.81
C VAL A 40 15.45 -4.90 -31.94
N PRO A 41 14.28 -4.41 -31.53
CA PRO A 41 14.04 -2.96 -31.50
C PRO A 41 14.90 -2.30 -30.43
N GLY A 42 15.10 -3.00 -29.31
CA GLY A 42 15.94 -2.55 -28.22
C GLY A 42 15.85 -1.07 -27.92
N TRP A 43 14.64 -0.59 -27.65
CA TRP A 43 14.38 0.82 -27.42
C TRP A 43 13.50 1.08 -26.19
N ALA A 44 13.80 2.17 -25.49
CA ALA A 44 13.05 2.61 -24.32
C ALA A 44 13.37 4.07 -24.00
N THR A 45 12.37 4.82 -23.52
CA THR A 45 12.56 6.26 -23.26
C THR A 45 13.63 6.49 -22.19
N PRO A 46 14.35 7.61 -22.30
CA PRO A 46 15.51 7.88 -21.43
C PRO A 46 15.17 7.88 -19.93
N ASP A 56 4.09 8.10 -10.97
CA ASP A 56 2.70 8.08 -11.45
C ASP A 56 2.57 7.49 -12.85
N ALA A 57 3.49 7.85 -13.74
CA ALA A 57 3.43 7.45 -15.15
C ALA A 57 4.59 6.53 -15.56
N TRP A 58 4.95 5.58 -14.69
CA TRP A 58 6.04 4.64 -14.97
C TRP A 58 5.81 3.83 -16.25
N PHE A 59 4.61 3.29 -16.41
CA PHE A 59 4.29 2.40 -17.54
C PHE A 59 4.10 3.16 -18.85
N PHE A 60 3.78 4.45 -18.76
CA PHE A 60 3.62 5.30 -19.94
C PHE A 60 4.97 5.71 -20.53
N GLN A 61 6.00 5.74 -19.68
CA GLN A 61 7.36 6.06 -20.09
C GLN A 61 8.30 4.98 -19.56
N ASN A 62 8.03 3.72 -19.93
CA ASN A 62 8.78 2.59 -19.40
C ASN A 62 10.26 2.67 -19.81
N PRO A 63 11.17 2.75 -18.83
CA PRO A 63 12.61 2.73 -19.10
C PRO A 63 13.16 1.33 -19.38
N TYR A 64 12.31 0.30 -19.26
CA TYR A 64 12.68 -1.10 -19.47
C TYR A 64 12.36 -1.50 -20.91
N ALA A 65 13.39 -1.86 -21.67
CA ALA A 65 13.23 -2.25 -23.06
C ALA A 65 12.54 -3.59 -23.25
N GLU A 66 12.55 -4.43 -22.22
CA GLU A 66 11.84 -5.73 -22.26
C GLU A 66 10.33 -5.55 -22.31
N TRP A 67 9.86 -4.43 -21.76
CA TRP A 67 8.44 -4.07 -21.78
C TRP A 67 8.00 -3.38 -23.07
N TYR A 68 8.81 -3.46 -24.13
CA TYR A 68 8.51 -2.82 -25.41
C TYR A 68 7.08 -3.06 -25.87
N GLU A 69 6.62 -4.31 -25.82
CA GLU A 69 5.28 -4.64 -26.31
C GLU A 69 4.18 -4.00 -25.49
N ASN A 70 4.34 -4.01 -24.17
CA ASN A 70 3.37 -3.35 -23.29
C ASN A 70 3.28 -1.86 -23.60
N SER A 71 4.43 -1.20 -23.68
CA SER A 71 4.52 0.20 -24.03
C SER A 71 3.95 0.48 -25.43
N LEU A 72 4.10 -0.48 -26.33
CA LEU A 72 3.61 -0.35 -27.71
C LEU A 72 2.08 -0.44 -27.77
N ARG A 73 1.50 -1.20 -26.85
CA ARG A 73 0.05 -1.36 -26.76
C ARG A 73 -0.62 -0.12 -26.19
N ILE A 74 0.16 0.72 -25.51
CA ILE A 74 -0.31 2.03 -25.09
C ILE A 74 -0.15 2.97 -26.26
N LYS A 75 -1.28 3.22 -26.93
CA LYS A 75 -1.29 4.08 -28.10
C LYS A 75 -0.88 5.50 -27.71
N GLU A 76 -0.03 6.08 -28.56
CA GLU A 76 0.47 7.46 -28.41
C GLU A 76 1.66 7.59 -27.44
N SER A 77 1.94 6.55 -26.62
CA SER A 77 3.14 6.54 -25.78
C SER A 77 4.40 6.69 -26.62
N PRO A 78 5.53 7.07 -26.00
CA PRO A 78 6.77 7.27 -26.76
C PRO A 78 7.30 6.03 -27.49
N THR A 79 7.09 4.84 -26.91
CA THR A 79 7.45 3.60 -27.59
C THR A 79 6.61 3.42 -28.85
N TRP A 80 5.35 3.86 -28.79
CA TRP A 80 4.44 3.81 -29.93
C TRP A 80 4.87 4.79 -31.04
N GLU A 81 5.33 5.97 -30.65
CA GLU A 81 5.82 6.96 -31.60
C GLU A 81 7.02 6.40 -32.35
N TYR A 82 8.02 5.95 -31.58
CA TYR A 82 9.23 5.36 -32.12
C TYR A 82 8.92 4.19 -33.03
N HIS A 83 8.03 3.32 -32.58
CA HIS A 83 7.72 2.11 -33.33
C HIS A 83 7.05 2.41 -34.67
N VAL A 84 6.14 3.37 -34.67
CA VAL A 84 5.31 3.67 -35.83
C VAL A 84 6.12 4.41 -36.91
N LYS A 85 7.24 4.98 -36.50
CA LYS A 85 8.12 5.74 -37.39
C LYS A 85 9.30 4.88 -37.88
N THR A 86 9.82 4.01 -37.01
CA THR A 86 10.94 3.14 -37.34
C THR A 86 10.49 1.90 -38.12
N TYR A 87 9.32 1.39 -37.78
CA TYR A 87 8.83 0.10 -38.32
C TYR A 87 7.45 0.17 -39.00
N GLY A 88 6.64 1.18 -38.68
CA GLY A 88 5.32 1.34 -39.27
C GLY A 88 4.19 0.90 -38.34
N GLU A 89 3.03 1.55 -38.49
CA GLU A 89 1.85 1.27 -37.64
C GLU A 89 1.35 -0.18 -37.71
N ASN A 90 1.47 -0.81 -38.89
CA ASN A 90 0.99 -2.19 -39.10
C ASN A 90 2.11 -3.23 -38.92
N PHE A 91 3.14 -2.85 -38.17
CA PHE A 91 4.22 -3.76 -37.82
C PHE A 91 3.92 -4.36 -36.45
N GLU A 92 3.24 -5.51 -36.47
CA GLU A 92 2.91 -6.27 -35.26
C GLU A 92 4.19 -6.61 -34.48
N TYR A 93 4.10 -6.59 -33.15
CA TYR A 93 5.25 -6.90 -32.28
C TYR A 93 5.78 -8.32 -32.50
N GLU A 94 4.87 -9.24 -32.79
CA GLU A 94 5.19 -10.65 -33.05
C GLU A 94 6.16 -10.83 -34.23
N LYS A 95 6.17 -9.87 -35.15
CA LYS A 95 7.05 -9.88 -36.31
C LYS A 95 8.55 -9.80 -35.97
N PHE A 96 8.88 -9.28 -34.79
CA PHE A 96 10.26 -9.23 -34.29
C PHE A 96 10.89 -10.61 -34.08
N ALA A 97 10.05 -11.63 -33.87
CA ALA A 97 10.51 -13.00 -33.72
C ALA A 97 11.30 -13.49 -34.93
N ASP A 98 10.88 -13.06 -36.12
CA ASP A 98 11.57 -13.41 -37.35
C ASP A 98 12.81 -12.53 -37.60
N LEU A 99 12.88 -11.38 -36.94
CA LEU A 99 14.04 -10.50 -37.00
C LEU A 99 15.12 -10.88 -36.00
N PHE A 100 14.79 -11.78 -35.07
CA PHE A 100 15.69 -12.16 -34.00
C PHE A 100 16.54 -13.33 -34.47
N THR A 101 17.57 -13.02 -35.26
CA THR A 101 18.37 -14.05 -35.93
C THR A 101 19.53 -14.60 -35.10
N ALA A 102 19.98 -13.84 -34.11
CA ALA A 102 21.15 -14.21 -33.29
C ALA A 102 22.33 -14.60 -34.19
N GLU A 103 22.61 -13.70 -35.13
CA GLU A 103 23.56 -13.93 -36.23
C GLU A 103 24.98 -14.25 -35.74
N LYS A 104 25.50 -13.36 -34.89
CA LYS A 104 26.86 -13.46 -34.38
C LYS A 104 26.93 -14.06 -32.97
N TRP A 105 25.93 -14.87 -32.60
CA TRP A 105 25.89 -15.45 -31.26
C TRP A 105 26.87 -16.62 -31.11
N ASP A 106 27.67 -16.57 -30.05
CA ASP A 106 28.61 -17.63 -29.73
C ASP A 106 28.52 -17.91 -28.23
N PRO A 107 27.80 -18.98 -27.84
CA PRO A 107 27.64 -19.33 -26.42
C PRO A 107 28.93 -19.57 -25.64
N GLN A 108 29.98 -20.11 -26.27
CA GLN A 108 31.25 -20.32 -25.58
C GLN A 108 31.93 -18.99 -25.28
N GLU A 109 31.75 -18.02 -26.18
CA GLU A 109 32.23 -16.66 -25.96
C GLU A 109 31.55 -16.00 -24.75
N TRP A 110 30.25 -16.27 -24.59
CA TRP A 110 29.46 -15.73 -23.48
C TRP A 110 29.88 -16.38 -22.15
N ALA A 111 30.01 -17.70 -22.17
CA ALA A 111 30.34 -18.48 -20.99
C ALA A 111 31.72 -18.11 -20.46
N ASP A 112 32.62 -17.79 -21.38
CA ASP A 112 33.99 -17.42 -21.03
C ASP A 112 34.02 -16.01 -20.46
N LEU A 113 33.20 -15.12 -21.02
CA LEU A 113 33.10 -13.74 -20.53
C LEU A 113 32.60 -13.73 -19.10
N PHE A 114 31.57 -14.54 -18.83
CA PHE A 114 30.96 -14.59 -17.50
C PHE A 114 31.89 -15.25 -16.48
N LYS A 115 32.72 -16.18 -16.94
CA LYS A 115 33.69 -16.86 -16.08
C LYS A 115 34.81 -15.91 -15.68
N LYS A 116 35.29 -15.13 -16.66
CA LYS A 116 36.34 -14.13 -16.45
C LYS A 116 35.83 -12.96 -15.60
N ALA A 117 34.52 -12.72 -15.64
CA ALA A 117 33.89 -11.66 -14.85
C ALA A 117 33.77 -12.06 -13.39
N GLY A 118 33.93 -13.36 -13.11
CA GLY A 118 33.95 -13.89 -11.76
C GLY A 118 32.64 -14.48 -11.30
N ALA A 119 31.66 -14.55 -12.21
CA ALA A 119 30.36 -15.10 -11.90
C ALA A 119 30.44 -16.61 -11.67
N LYS A 120 29.64 -17.10 -10.73
CA LYS A 120 29.56 -18.52 -10.41
C LYS A 120 28.29 -19.17 -10.95
N TYR A 121 27.33 -18.36 -11.41
CA TYR A 121 26.11 -18.89 -12.03
C TYR A 121 25.47 -17.92 -13.00
N VAL A 122 24.70 -18.48 -13.94
CA VAL A 122 24.15 -17.73 -15.08
C VAL A 122 22.68 -18.07 -15.31
N ILE A 123 21.84 -17.05 -15.46
CA ILE A 123 20.39 -17.21 -15.53
C ILE A 123 19.86 -16.40 -16.72
N PRO A 124 19.52 -17.05 -17.83
CA PRO A 124 18.88 -16.36 -18.96
C PRO A 124 17.37 -16.38 -18.86
N THR A 125 16.71 -15.44 -19.53
CA THR A 125 15.26 -15.41 -19.61
C THR A 125 14.83 -16.45 -20.62
N THR A 126 14.30 -17.58 -20.15
CA THR A 126 13.75 -18.59 -21.05
C THR A 126 12.46 -18.07 -21.67
N LYS A 127 11.69 -17.31 -20.90
CA LYS A 127 10.48 -16.67 -21.40
C LYS A 127 10.13 -15.47 -20.54
N HIS A 128 10.15 -14.28 -21.14
CA HIS A 128 9.77 -13.07 -20.42
C HIS A 128 8.26 -12.81 -20.61
N HIS A 129 7.81 -11.62 -20.21
CA HIS A 129 6.41 -11.29 -20.22
C HIS A 129 5.76 -11.42 -21.58
N ASP A 130 6.51 -11.18 -22.65
CA ASP A 130 5.94 -11.26 -24.00
C ASP A 130 5.60 -12.68 -24.44
N GLY A 131 6.14 -13.67 -23.74
CA GLY A 131 5.75 -15.06 -23.95
C GLY A 131 6.54 -15.81 -25.01
N PHE A 132 7.53 -15.15 -25.62
CA PHE A 132 8.43 -15.83 -26.54
C PHE A 132 9.40 -16.69 -25.77
N CYS A 133 9.48 -17.96 -26.13
CA CYS A 133 10.36 -18.92 -25.45
C CYS A 133 11.68 -19.10 -26.19
N LEU A 134 12.78 -19.12 -25.44
CA LEU A 134 14.11 -19.24 -26.02
C LEU A 134 14.56 -20.71 -26.10
N TRP A 135 13.61 -21.63 -26.14
CA TRP A 135 13.92 -23.05 -26.31
C TRP A 135 12.85 -23.77 -27.13
N GLY A 136 13.14 -25.01 -27.51
CA GLY A 136 12.25 -25.76 -28.38
C GLY A 136 11.11 -26.41 -27.62
N THR A 137 10.31 -25.58 -26.95
CA THR A 137 9.15 -26.06 -26.21
C THR A 137 8.13 -26.66 -27.17
N LYS A 138 7.39 -27.66 -26.69
CA LYS A 138 6.36 -28.28 -27.53
C LYS A 138 4.95 -27.83 -27.15
N TYR A 139 4.85 -26.71 -26.42
CA TYR A 139 3.56 -26.18 -25.98
C TYR A 139 3.21 -24.84 -26.64
N THR A 140 4.13 -24.32 -27.45
CA THR A 140 3.85 -23.16 -28.33
C THR A 140 4.85 -23.14 -29.48
N ASP A 141 4.42 -22.62 -30.63
CA ASP A 141 5.31 -22.48 -31.79
C ASP A 141 5.97 -21.10 -31.85
N PHE A 142 5.77 -20.32 -30.79
CA PHE A 142 6.33 -18.98 -30.64
C PHE A 142 7.61 -19.10 -29.82
N ASN A 143 8.62 -19.71 -30.43
CA ASN A 143 9.89 -19.94 -29.76
C ASN A 143 11.09 -19.82 -30.71
N SER A 144 12.29 -19.96 -30.18
CA SER A 144 13.51 -19.71 -30.93
C SER A 144 13.87 -20.82 -31.94
N VAL A 145 13.28 -22.01 -31.77
CA VAL A 145 13.54 -23.12 -32.70
C VAL A 145 12.71 -22.99 -33.99
N LYS A 146 11.44 -22.61 -33.86
CA LYS A 146 10.55 -22.48 -35.01
C LYS A 146 10.66 -21.12 -35.69
N ARG A 147 10.99 -20.10 -34.90
CA ARG A 147 11.12 -18.73 -35.38
C ARG A 147 12.55 -18.23 -35.25
N GLY A 148 12.85 -17.12 -35.90
CA GLY A 148 14.10 -16.40 -35.73
C GLY A 148 15.39 -17.19 -35.75
N PRO A 149 15.99 -17.44 -34.58
CA PRO A 149 17.32 -18.08 -34.51
C PRO A 149 17.39 -19.48 -35.10
N LYS A 150 16.26 -20.18 -35.17
CA LYS A 150 16.20 -21.58 -35.57
C LYS A 150 17.17 -22.39 -34.72
N ARG A 151 17.12 -22.17 -33.42
CA ARG A 151 18.15 -22.66 -32.51
C ARG A 151 17.64 -22.70 -31.07
N ASP A 152 17.95 -23.78 -30.36
CA ASP A 152 17.61 -23.92 -28.93
C ASP A 152 18.57 -23.08 -28.10
N LEU A 153 18.21 -21.82 -27.88
CA LEU A 153 19.09 -20.85 -27.24
C LEU A 153 19.40 -21.20 -25.79
N VAL A 154 18.39 -21.65 -25.05
CA VAL A 154 18.55 -21.99 -23.63
C VAL A 154 19.49 -23.18 -23.47
N GLY A 155 19.29 -24.21 -24.27
CA GLY A 155 20.06 -25.44 -24.17
C GLY A 155 21.51 -25.29 -24.54
N ASP A 156 21.78 -24.50 -25.58
CA ASP A 156 23.15 -24.23 -26.05
C ASP A 156 23.91 -23.34 -25.08
N LEU A 157 23.20 -22.44 -24.39
CA LEU A 157 23.82 -21.62 -23.36
C LEU A 157 24.09 -22.46 -22.11
N ALA A 158 23.19 -23.40 -21.82
CA ALA A 158 23.32 -24.29 -20.66
C ALA A 158 24.53 -25.21 -20.82
N LYS A 159 24.73 -25.70 -22.03
CA LYS A 159 25.84 -26.60 -22.34
C LYS A 159 27.15 -25.84 -22.22
N ALA A 160 27.16 -24.59 -22.70
CA ALA A 160 28.36 -23.77 -22.71
C ALA A 160 28.74 -23.26 -21.33
N VAL A 161 27.73 -22.99 -20.50
CA VAL A 161 27.92 -22.44 -19.17
C VAL A 161 28.48 -23.51 -18.25
N ARG A 162 27.96 -24.72 -18.39
CA ARG A 162 28.41 -25.85 -17.57
C ARG A 162 29.75 -26.40 -18.00
N GLU A 163 30.10 -26.19 -19.27
CA GLU A 163 31.43 -26.54 -19.78
C GLU A 163 32.48 -25.58 -19.24
N ALA A 164 32.08 -24.34 -18.96
CA ALA A 164 32.94 -23.33 -18.36
C ALA A 164 33.04 -23.48 -16.84
N GLY A 165 32.28 -24.41 -16.28
CA GLY A 165 32.34 -24.72 -14.85
C GLY A 165 31.39 -23.91 -13.99
N LEU A 166 30.38 -23.28 -14.61
CA LEU A 166 29.42 -22.45 -13.89
C LEU A 166 28.05 -23.14 -13.80
N ARG A 167 27.30 -22.76 -12.78
CA ARG A 167 25.93 -23.24 -12.59
C ARG A 167 24.99 -22.54 -13.55
N PHE A 168 23.87 -23.17 -13.87
CA PHE A 168 22.94 -22.65 -14.86
C PHE A 168 21.52 -22.66 -14.32
N GLY A 169 20.90 -21.49 -14.27
CA GLY A 169 19.52 -21.33 -13.82
C GLY A 169 18.62 -20.90 -14.96
N VAL A 170 17.33 -20.77 -14.68
CA VAL A 170 16.36 -20.32 -15.67
C VAL A 170 15.37 -19.32 -15.07
N TYR A 171 15.25 -18.18 -15.75
CA TYR A 171 14.17 -17.22 -15.49
C TYR A 171 12.95 -17.66 -16.29
N TYR A 172 11.78 -17.56 -15.69
CA TYR A 172 10.52 -17.84 -16.37
C TYR A 172 9.45 -16.87 -15.88
N SER A 173 8.76 -16.22 -16.81
CA SER A 173 7.68 -15.29 -16.48
C SER A 173 6.39 -16.09 -16.33
N GLY A 174 6.21 -16.67 -15.15
CA GLY A 174 5.05 -17.49 -14.87
C GLY A 174 3.79 -16.67 -14.70
N GLY A 175 3.91 -15.49 -14.11
CA GLY A 175 2.76 -14.67 -13.74
C GLY A 175 2.24 -13.80 -14.86
N LEU A 176 3.10 -13.47 -15.82
CA LEU A 176 2.73 -12.60 -16.94
C LEU A 176 3.08 -13.28 -18.25
N ASP A 177 2.14 -13.25 -19.18
CA ASP A 177 2.33 -13.74 -20.54
C ASP A 177 1.37 -12.99 -21.46
N TRP A 178 1.92 -12.17 -22.34
CA TRP A 178 1.13 -11.25 -23.15
C TRP A 178 0.57 -11.92 -24.42
N ARG A 179 0.96 -13.18 -24.69
CA ARG A 179 0.27 -13.99 -25.69
C ARG A 179 -1.18 -14.28 -25.29
N PHE A 180 -1.47 -14.13 -24.00
CA PHE A 180 -2.77 -14.46 -23.45
C PHE A 180 -3.62 -13.22 -23.09
N THR A 181 -3.07 -12.04 -23.33
CA THR A 181 -3.80 -10.79 -23.12
C THR A 181 -3.74 -9.92 -24.38
N THR A 182 -4.59 -8.91 -24.43
CA THR A 182 -4.55 -7.92 -25.52
C THR A 182 -4.40 -6.50 -24.99
N GLU A 183 -4.86 -6.26 -23.77
CA GLU A 183 -4.82 -4.96 -23.14
C GLU A 183 -3.48 -4.77 -22.42
N PRO A 184 -2.91 -3.56 -22.48
CA PRO A 184 -1.67 -3.27 -21.75
C PRO A 184 -1.86 -2.91 -20.28
N ILE A 185 -0.74 -2.85 -19.59
CA ILE A 185 -0.65 -2.39 -18.21
C ILE A 185 -0.31 -0.90 -18.26
N ARG A 186 -1.24 -0.07 -17.78
CA ARG A 186 -1.02 1.37 -17.71
C ARG A 186 -0.68 1.83 -16.28
N TYR A 187 -1.19 1.10 -15.29
CA TYR A 187 -0.94 1.40 -13.88
C TYR A 187 -0.63 0.09 -13.13
N PRO A 188 0.00 0.18 -11.95
CA PRO A 188 0.27 -1.02 -11.15
C PRO A 188 -0.98 -1.82 -10.78
N GLU A 189 -2.11 -1.14 -10.58
CA GLU A 189 -3.37 -1.80 -10.22
C GLU A 189 -3.93 -2.69 -11.34
N ASP A 190 -3.51 -2.43 -12.58
CA ASP A 190 -3.91 -3.23 -13.74
C ASP A 190 -3.38 -4.65 -13.67
N LEU A 191 -2.24 -4.84 -13.02
CA LEU A 191 -1.66 -6.17 -12.82
C LEU A 191 -2.54 -7.10 -11.97
N SER A 192 -3.46 -6.56 -11.18
CA SER A 192 -4.36 -7.39 -10.38
C SER A 192 -5.41 -8.15 -11.21
N TYR A 193 -5.64 -7.74 -12.46
CA TYR A 193 -6.63 -8.42 -13.33
C TYR A 193 -6.23 -8.66 -14.80
N ILE A 194 -5.17 -8.03 -15.29
CA ILE A 194 -4.72 -8.20 -16.67
C ILE A 194 -3.62 -9.26 -16.70
N ARG A 195 -4.08 -10.50 -16.45
CA ARG A 195 -3.27 -11.70 -16.42
C ARG A 195 -3.99 -12.73 -17.28
N PRO A 196 -3.29 -13.79 -17.69
CA PRO A 196 -3.94 -14.85 -18.47
C PRO A 196 -5.24 -15.40 -17.84
N ASN A 197 -5.27 -15.59 -16.52
CA ASN A 197 -6.49 -15.92 -15.75
C ASN A 197 -7.15 -17.28 -15.97
N THR A 198 -6.77 -17.99 -17.03
CA THR A 198 -7.45 -19.22 -17.42
C THR A 198 -6.76 -20.44 -16.82
N TYR A 199 -7.52 -21.52 -16.65
CA TYR A 199 -6.96 -22.83 -16.30
C TYR A 199 -5.97 -23.29 -17.36
N GLU A 200 -6.27 -22.95 -18.61
CA GLU A 200 -5.44 -23.27 -19.76
C GLU A 200 -4.02 -22.71 -19.61
N TYR A 201 -3.91 -21.50 -19.06
CA TYR A 201 -2.60 -20.91 -18.81
C TYR A 201 -1.89 -21.55 -17.62
N ALA A 202 -2.63 -21.86 -16.56
CA ALA A 202 -2.04 -22.47 -15.38
C ALA A 202 -1.35 -23.81 -15.72
N ASP A 203 -2.00 -24.60 -16.56
CA ASP A 203 -1.41 -25.82 -17.09
C ASP A 203 -0.19 -25.50 -17.95
N TYR A 204 -0.32 -24.51 -18.82
CA TYR A 204 0.74 -24.13 -19.75
C TYR A 204 2.04 -23.77 -19.01
N ALA A 205 1.91 -23.01 -17.94
CA ALA A 205 3.07 -22.57 -17.16
C ALA A 205 3.69 -23.75 -16.44
N TYR A 206 2.84 -24.60 -15.86
CA TYR A 206 3.29 -25.80 -15.17
C TYR A 206 4.09 -26.70 -16.13
N LYS A 207 3.51 -26.97 -17.29
CA LYS A 207 4.12 -27.86 -18.27
C LYS A 207 5.42 -27.30 -18.82
N GLN A 208 5.53 -25.99 -18.91
CA GLN A 208 6.74 -25.35 -19.43
C GLN A 208 7.89 -25.37 -18.43
N VAL A 209 7.61 -25.17 -17.14
CA VAL A 209 8.66 -25.24 -16.12
C VAL A 209 9.05 -26.72 -15.87
N MET A 210 8.05 -27.60 -15.85
CA MET A 210 8.28 -29.06 -15.85
C MET A 210 9.20 -29.46 -16.99
N GLU A 211 9.04 -28.82 -18.14
CA GLU A 211 9.78 -29.14 -19.35
C GLU A 211 11.22 -28.63 -19.27
N LEU A 212 11.40 -27.46 -18.65
CA LEU A 212 12.75 -26.90 -18.43
C LEU A 212 13.53 -27.80 -17.48
N VAL A 213 12.84 -28.31 -16.45
CA VAL A 213 13.43 -29.21 -15.48
C VAL A 213 13.85 -30.52 -16.13
N ASP A 214 12.98 -31.08 -16.96
CA ASP A 214 13.25 -32.33 -17.65
C ASP A 214 14.38 -32.19 -18.66
N LEU A 215 14.42 -31.07 -19.37
CA LEU A 215 15.35 -30.88 -20.50
C LEU A 215 16.74 -30.43 -20.06
N TYR A 216 16.80 -29.51 -19.09
CA TYR A 216 18.04 -28.84 -18.71
C TYR A 216 18.39 -28.92 -17.23
N LEU A 217 17.46 -29.42 -16.40
CA LEU A 217 17.65 -29.55 -14.95
C LEU A 217 18.37 -28.34 -14.31
N PRO A 218 17.74 -27.17 -14.36
CA PRO A 218 18.38 -25.94 -13.88
C PRO A 218 18.74 -26.00 -12.40
N ASP A 219 19.85 -25.35 -12.05
CA ASP A 219 20.29 -25.21 -10.67
C ASP A 219 19.47 -24.14 -9.94
N VAL A 220 18.83 -23.26 -10.70
CA VAL A 220 17.96 -22.22 -10.15
C VAL A 220 16.68 -22.10 -10.98
N LEU A 221 15.55 -22.03 -10.29
CA LEU A 221 14.25 -21.80 -10.91
C LEU A 221 13.84 -20.41 -10.48
N TRP A 222 14.08 -19.45 -11.37
CA TRP A 222 13.81 -18.03 -11.09
C TRP A 222 12.50 -17.61 -11.73
N ASN A 223 11.39 -17.80 -11.01
CA ASN A 223 10.09 -17.37 -11.51
C ASN A 223 9.90 -15.87 -11.33
N ASP A 224 8.99 -15.29 -12.10
CA ASP A 224 8.67 -13.86 -12.00
C ASP A 224 7.17 -13.55 -12.07
N MET A 225 6.78 -12.50 -11.34
CA MET A 225 5.43 -11.93 -11.34
C MET A 225 4.39 -12.85 -10.73
N GLY A 226 4.83 -13.68 -9.79
CA GLY A 226 3.94 -14.62 -9.14
C GLY A 226 3.56 -15.76 -10.06
N TRP A 227 2.80 -16.69 -9.50
CA TRP A 227 2.32 -17.85 -10.24
C TRP A 227 0.79 -17.77 -10.31
N PRO A 228 0.18 -18.13 -11.43
CA PRO A 228 -1.28 -18.06 -11.55
C PRO A 228 -1.97 -18.70 -10.35
N GLU A 229 -3.01 -18.02 -9.86
CA GLU A 229 -3.74 -18.46 -8.68
C GLU A 229 -4.21 -19.93 -8.83
N LYS A 230 -4.69 -20.27 -10.02
CA LYS A 230 -5.22 -21.61 -10.28
C LYS A 230 -4.15 -22.72 -10.27
N GLY A 231 -2.90 -22.35 -10.52
CA GLY A 231 -1.80 -23.31 -10.51
C GLY A 231 -0.89 -23.31 -9.28
N LYS A 232 -1.21 -22.53 -8.26
CA LYS A 232 -0.36 -22.44 -7.08
C LYS A 232 -0.24 -23.78 -6.33
N GLU A 233 -1.31 -24.55 -6.30
CA GLU A 233 -1.27 -25.88 -5.68
C GLU A 233 -0.46 -26.90 -6.52
N ASP A 234 -0.29 -26.63 -7.81
CA ASP A 234 0.55 -27.48 -8.66
C ASP A 234 2.02 -27.49 -8.21
N LEU A 235 2.45 -26.42 -7.53
CA LEU A 235 3.86 -26.21 -7.20
C LEU A 235 4.41 -27.07 -6.06
N LYS A 236 3.55 -27.59 -5.18
CA LYS A 236 4.04 -28.57 -4.19
C LYS A 236 4.53 -29.80 -4.95
N TYR A 237 3.87 -30.13 -6.06
CA TYR A 237 4.26 -31.26 -6.90
C TYR A 237 5.51 -30.94 -7.71
N LEU A 238 5.55 -29.77 -8.35
CA LEU A 238 6.67 -29.35 -9.18
C LEU A 238 7.97 -29.23 -8.39
N PHE A 239 7.87 -28.68 -7.19
CA PHE A 239 9.03 -28.48 -6.32
C PHE A 239 9.55 -29.81 -5.78
N ALA A 240 8.64 -30.71 -5.40
CA ALA A 240 9.03 -32.04 -4.92
C ALA A 240 9.70 -32.83 -6.03
N TYR A 241 9.09 -32.81 -7.21
CA TYR A 241 9.65 -33.42 -8.42
C TYR A 241 11.05 -32.89 -8.73
N TYR A 242 11.22 -31.58 -8.61
CA TYR A 242 12.47 -30.88 -8.91
C TYR A 242 13.58 -31.24 -7.93
N TYR A 243 13.30 -31.08 -6.64
CA TYR A 243 14.28 -31.38 -5.59
C TYR A 243 14.68 -32.87 -5.56
N ASN A 244 13.73 -33.74 -5.87
CA ASN A 244 14.00 -35.19 -5.90
C ASN A 244 14.90 -35.60 -7.08
N LYS A 245 14.83 -34.86 -8.19
CA LYS A 245 15.74 -35.05 -9.31
C LYS A 245 17.05 -34.30 -9.12
N HIS A 246 17.01 -33.25 -8.31
CA HIS A 246 18.12 -32.31 -8.18
C HIS A 246 18.08 -31.59 -6.82
N PRO A 247 18.59 -32.24 -5.77
CA PRO A 247 18.58 -31.67 -4.42
C PRO A 247 19.37 -30.35 -4.27
N GLU A 248 20.39 -30.16 -5.10
CA GLU A 248 21.16 -28.91 -5.11
C GLU A 248 20.47 -27.82 -5.93
N GLY A 249 19.30 -28.11 -6.48
CA GLY A 249 18.50 -27.12 -7.15
C GLY A 249 17.94 -26.09 -6.18
N SER A 250 17.53 -24.95 -6.70
CA SER A 250 17.01 -23.87 -5.88
C SER A 250 15.84 -23.15 -6.55
N VAL A 251 15.14 -22.34 -5.77
CA VAL A 251 13.86 -21.77 -6.15
C VAL A 251 13.74 -20.39 -5.49
N ASN A 252 13.39 -19.37 -6.28
CA ASN A 252 13.27 -18.02 -5.74
C ASN A 252 11.93 -17.80 -5.03
N ASP A 253 11.61 -16.54 -4.72
CA ASP A 253 10.45 -16.20 -3.89
C ASP A 253 9.33 -15.46 -4.64
N ARG A 254 9.22 -15.70 -5.94
CA ARG A 254 8.24 -14.99 -6.75
C ARG A 254 7.15 -15.90 -7.30
N TRP A 255 6.77 -16.91 -6.52
CA TRP A 255 5.68 -17.82 -6.90
C TRP A 255 4.40 -17.48 -6.16
N GLY A 256 4.52 -16.76 -5.05
CA GLY A 256 3.37 -16.43 -4.22
C GLY A 256 2.82 -17.64 -3.50
N VAL A 257 3.72 -18.51 -3.02
CA VAL A 257 3.36 -19.67 -2.21
C VAL A 257 4.24 -19.73 -0.95
N PRO A 258 3.87 -20.55 0.04
CA PRO A 258 4.64 -20.61 1.30
C PRO A 258 6.13 -20.98 1.15
N HIS A 259 6.55 -21.60 0.05
CA HIS A 259 7.93 -22.06 -0.09
C HIS A 259 8.84 -21.26 -1.06
N TRP A 260 10.06 -21.00 -0.58
CA TRP A 260 11.14 -20.45 -1.39
C TRP A 260 12.49 -20.76 -0.73
N ASP A 261 13.55 -20.76 -1.53
CA ASP A 261 14.91 -20.99 -1.04
C ASP A 261 15.66 -19.69 -0.77
N PHE A 262 15.42 -18.69 -1.60
CA PHE A 262 15.99 -17.36 -1.37
C PHE A 262 15.06 -16.26 -1.87
N LYS A 263 15.12 -15.11 -1.22
CA LYS A 263 14.31 -13.96 -1.59
C LYS A 263 15.06 -13.12 -2.61
N THR A 264 14.36 -12.16 -3.21
CA THR A 264 14.93 -11.30 -4.23
C THR A 264 14.65 -9.84 -3.90
N ALA A 265 15.12 -8.94 -4.75
CA ALA A 265 15.00 -7.50 -4.50
C ALA A 265 15.48 -6.66 -5.70
N GLU A 266 14.77 -5.56 -5.97
CA GLU A 266 15.10 -4.66 -7.07
C GLU A 266 15.27 -3.22 -6.59
N ASP A 274 18.71 -6.31 11.60
CA ASP A 274 20.10 -5.98 11.33
C ASP A 274 20.63 -6.81 10.14
N LEU A 275 20.92 -8.09 10.38
CA LEU A 275 21.37 -9.00 9.33
C LEU A 275 20.32 -10.11 9.14
N PRO A 276 19.87 -10.34 7.90
CA PRO A 276 18.85 -11.38 7.65
C PRO A 276 19.36 -12.79 8.00
N GLY A 277 18.45 -13.63 8.50
CA GLY A 277 18.78 -15.01 8.78
C GLY A 277 18.59 -15.90 7.56
N TYR A 278 17.78 -15.42 6.62
CA TYR A 278 17.53 -16.13 5.36
C TYR A 278 18.47 -15.62 4.28
N LYS A 279 18.53 -16.36 3.18
CA LYS A 279 19.36 -16.00 2.04
C LYS A 279 18.54 -15.16 1.05
N TRP A 280 19.19 -14.14 0.47
CA TRP A 280 18.53 -13.27 -0.51
C TRP A 280 19.46 -12.91 -1.65
N GLU A 281 18.93 -12.22 -2.65
CA GLU A 281 19.66 -11.93 -3.88
C GLU A 281 19.20 -10.60 -4.46
N PHE A 282 20.11 -9.63 -4.49
CA PHE A 282 19.86 -8.34 -5.13
C PHE A 282 20.09 -8.47 -6.63
N THR A 283 19.10 -8.07 -7.42
CA THR A 283 19.24 -8.06 -8.87
C THR A 283 19.15 -6.64 -9.40
N ARG A 284 20.07 -6.32 -10.31
CA ARG A 284 20.11 -5.02 -10.96
C ARG A 284 21.00 -5.08 -12.20
N GLY A 285 20.71 -4.23 -13.18
CA GLY A 285 21.44 -4.21 -14.42
C GLY A 285 22.69 -3.35 -14.34
N ILE A 286 23.56 -3.51 -15.34
CA ILE A 286 24.72 -2.63 -15.45
C ILE A 286 24.20 -1.23 -15.70
N GLY A 287 23.16 -1.14 -16.54
CA GLY A 287 22.46 0.11 -16.75
C GLY A 287 21.15 0.14 -15.96
N LEU A 288 20.21 0.94 -16.44
CA LEU A 288 18.88 1.04 -15.83
C LEU A 288 17.95 -0.02 -16.43
N SER A 289 17.96 -0.15 -17.75
CA SER A 289 17.16 -1.17 -18.45
C SER A 289 17.76 -2.57 -18.28
N PHE A 290 16.91 -3.59 -18.37
CA PHE A 290 17.34 -4.98 -18.29
C PHE A 290 17.62 -5.54 -19.69
N GLY A 291 16.69 -5.32 -20.61
CA GLY A 291 16.89 -5.66 -22.01
C GLY A 291 17.77 -4.60 -22.66
N TYR A 292 18.39 -4.95 -23.78
CA TYR A 292 19.24 -4.01 -24.51
C TYR A 292 18.47 -2.74 -24.90
N ASN A 293 19.05 -1.58 -24.57
CA ASN A 293 18.50 -0.27 -24.94
C ASN A 293 19.55 0.62 -25.62
N ARG A 294 19.23 1.14 -26.81
CA ARG A 294 20.09 2.08 -27.53
C ARG A 294 20.07 3.43 -26.84
N ASN A 295 18.85 3.91 -26.59
CA ASN A 295 18.61 5.19 -25.90
C ASN A 295 19.26 5.31 -24.51
N GLU A 296 19.85 4.21 -24.02
CA GLU A 296 20.59 4.22 -22.76
C GLU A 296 21.82 5.13 -22.84
N HIS A 300 24.03 6.68 -17.43
CA HIS A 300 23.02 5.81 -16.82
C HIS A 300 23.56 4.44 -16.38
N MET A 301 24.81 4.14 -16.76
CA MET A 301 25.46 2.88 -16.41
C MET A 301 26.38 3.04 -15.21
N LEU A 302 26.54 1.96 -14.43
CA LEU A 302 27.42 1.98 -13.26
C LEU A 302 28.88 1.84 -13.71
N SER A 303 29.78 2.49 -12.99
CA SER A 303 31.21 2.33 -13.21
C SER A 303 31.65 1.00 -12.60
N VAL A 304 32.88 0.59 -12.90
CA VAL A 304 33.43 -0.63 -12.32
C VAL A 304 33.48 -0.48 -10.80
N GLU A 305 33.82 0.71 -10.34
CA GLU A 305 33.90 1.02 -8.92
C GLU A 305 32.56 0.83 -8.21
N GLN A 306 31.48 1.30 -8.82
CA GLN A 306 30.14 1.21 -8.24
C GLN A 306 29.60 -0.22 -8.24
N LEU A 307 30.02 -1.02 -9.22
CA LEU A 307 29.65 -2.43 -9.31
C LEU A 307 30.32 -3.25 -8.22
N VAL A 308 31.60 -2.95 -7.95
CA VAL A 308 32.37 -3.60 -6.90
C VAL A 308 31.82 -3.21 -5.52
N TYR A 309 31.51 -1.93 -5.35
CA TYR A 309 30.93 -1.41 -4.11
C TYR A 309 29.58 -2.07 -3.82
N THR A 310 28.79 -2.29 -4.86
CA THR A 310 27.49 -2.95 -4.75
C THR A 310 27.67 -4.40 -4.33
N LEU A 311 28.61 -5.08 -4.99
CA LEU A 311 28.91 -6.49 -4.72
C LEU A 311 29.29 -6.70 -3.25
N VAL A 312 30.20 -5.84 -2.77
CA VAL A 312 30.72 -5.95 -1.40
C VAL A 312 29.62 -5.64 -0.38
N ASP A 313 28.83 -4.61 -0.66
CA ASP A 313 27.74 -4.21 0.22
C ASP A 313 26.73 -5.33 0.36
N VAL A 314 26.26 -5.82 -0.78
CA VAL A 314 25.31 -6.92 -0.85
C VAL A 314 25.81 -8.19 -0.17
N VAL A 315 27.07 -8.54 -0.42
CA VAL A 315 27.65 -9.80 0.06
C VAL A 315 27.89 -9.77 1.56
N SER A 316 28.18 -8.59 2.09
CA SER A 316 28.41 -8.39 3.53
C SER A 316 27.11 -8.42 4.32
N LYS A 317 26.00 -8.36 3.58
CA LYS A 317 24.65 -8.41 4.17
C LYS A 317 23.96 -9.75 3.92
N GLY A 318 24.73 -10.75 3.49
CA GLY A 318 24.24 -12.10 3.31
C GLY A 318 23.64 -12.40 1.94
N GLY A 319 23.66 -11.41 1.05
CA GLY A 319 23.06 -11.55 -0.26
C GLY A 319 24.01 -11.98 -1.38
N ASN A 320 23.42 -12.34 -2.51
CA ASN A 320 24.15 -12.53 -3.77
C ASN A 320 23.80 -11.38 -4.71
N LEU A 321 24.67 -11.11 -5.66
CA LEU A 321 24.42 -10.11 -6.67
C LEU A 321 24.12 -10.82 -7.99
N LEU A 322 22.98 -10.51 -8.58
CA LEU A 322 22.61 -11.01 -9.89
C LEU A 322 22.69 -9.84 -10.86
N LEU A 323 23.85 -9.69 -11.51
CA LEU A 323 24.08 -8.57 -12.40
C LEU A 323 23.56 -8.87 -13.81
N ASN A 324 22.66 -8.03 -14.31
CA ASN A 324 22.06 -8.26 -15.61
C ASN A 324 22.87 -7.77 -16.77
N VAL A 325 22.77 -8.51 -17.87
CA VAL A 325 23.38 -8.17 -19.15
C VAL A 325 22.26 -8.17 -20.17
N GLY A 326 22.22 -7.15 -21.01
CA GLY A 326 21.22 -7.03 -22.06
C GLY A 326 21.87 -7.06 -23.44
N PRO A 327 22.06 -8.26 -23.99
CA PRO A 327 22.67 -8.39 -25.32
C PRO A 327 21.74 -7.94 -26.44
N LYS A 328 22.33 -7.60 -27.59
CA LYS A 328 21.60 -7.20 -28.79
C LYS A 328 20.93 -8.41 -29.42
N GLY A 329 20.06 -8.14 -30.40
CA GLY A 329 19.35 -9.19 -31.11
C GLY A 329 20.22 -10.11 -31.94
N ASP A 330 21.41 -9.65 -32.31
CA ASP A 330 22.34 -10.44 -33.14
C ASP A 330 23.23 -11.39 -32.33
N GLY A 331 23.15 -11.29 -31.00
CA GLY A 331 23.85 -12.21 -30.12
C GLY A 331 25.17 -11.72 -29.55
N THR A 332 25.41 -10.40 -29.64
CA THR A 332 26.62 -9.80 -29.09
C THR A 332 26.28 -8.98 -27.87
N ILE A 333 27.20 -8.91 -26.93
CA ILE A 333 27.02 -8.11 -25.72
C ILE A 333 27.71 -6.78 -25.98
N PRO A 334 27.00 -5.66 -25.83
CA PRO A 334 27.58 -4.34 -26.03
C PRO A 334 28.94 -4.14 -25.36
N ASP A 335 29.87 -3.51 -26.05
CA ASP A 335 31.24 -3.34 -25.54
C ASP A 335 31.27 -2.68 -24.16
N LEU A 336 30.40 -1.70 -23.93
CA LEU A 336 30.31 -1.04 -22.63
C LEU A 336 30.01 -2.01 -21.49
N GLN A 337 29.13 -2.97 -21.76
CA GLN A 337 28.79 -4.01 -20.78
C GLN A 337 29.90 -5.03 -20.58
N LYS A 338 30.48 -5.53 -21.68
CA LYS A 338 31.66 -6.40 -21.63
C LYS A 338 32.76 -5.79 -20.77
N GLU A 339 32.97 -4.49 -20.95
CA GLU A 339 34.02 -3.73 -20.28
C GLU A 339 33.82 -3.73 -18.77
N ARG A 340 32.58 -3.47 -18.34
CA ARG A 340 32.24 -3.42 -16.92
C ARG A 340 32.36 -4.79 -16.26
N LEU A 341 32.04 -5.85 -16.99
CA LEU A 341 32.10 -7.21 -16.47
C LEU A 341 33.55 -7.67 -16.26
N LEU A 342 34.40 -7.39 -17.25
CA LEU A 342 35.81 -7.78 -17.19
C LEU A 342 36.56 -7.02 -16.09
N GLY A 343 36.21 -5.74 -15.92
CA GLY A 343 36.79 -4.91 -14.88
C GLY A 343 36.38 -5.37 -13.49
N LEU A 344 35.18 -5.90 -13.37
CA LEU A 344 34.68 -6.48 -12.12
C LEU A 344 35.42 -7.79 -11.81
N GLY A 345 35.67 -8.58 -12.84
CA GLY A 345 36.35 -9.85 -12.72
C GLY A 345 37.83 -9.72 -12.44
N GLU A 346 38.42 -8.62 -12.90
CA GLU A 346 39.82 -8.30 -12.60
C GLU A 346 39.96 -7.98 -11.11
N TRP A 347 38.95 -7.29 -10.58
CA TRP A 347 38.89 -7.00 -9.15
C TRP A 347 38.65 -8.28 -8.33
N LEU A 348 37.74 -9.13 -8.81
CA LEU A 348 37.39 -10.36 -8.12
C LEU A 348 38.53 -11.38 -8.15
N ARG A 349 39.39 -11.27 -9.17
CA ARG A 349 40.55 -12.14 -9.31
C ARG A 349 41.55 -11.88 -8.19
N LYS A 350 41.68 -10.61 -7.81
CA LYS A 350 42.55 -10.20 -6.71
C LYS A 350 41.93 -10.47 -5.34
N TYR A 351 40.69 -10.02 -5.17
CA TYR A 351 40.02 -9.99 -3.85
C TYR A 351 38.95 -11.06 -3.68
N GLY A 352 39.00 -12.08 -4.51
CA GLY A 352 37.98 -13.13 -4.52
C GLY A 352 37.91 -13.95 -3.24
N ASP A 353 39.02 -14.07 -2.53
CA ASP A 353 39.06 -14.84 -1.29
C ASP A 353 38.27 -14.19 -0.13
N ALA A 354 38.03 -12.88 -0.24
CA ALA A 354 37.26 -12.14 0.77
C ALA A 354 35.77 -12.01 0.44
N ILE A 355 35.33 -12.71 -0.60
CA ILE A 355 33.96 -12.65 -1.07
C ILE A 355 33.38 -14.06 -1.21
N TYR A 356 33.89 -14.83 -2.16
CA TYR A 356 33.43 -16.20 -2.39
C TYR A 356 33.58 -17.04 -1.12
N GLY A 357 32.53 -17.77 -0.78
CA GLY A 357 32.54 -18.67 0.36
C GLY A 357 32.55 -18.00 1.71
N THR A 358 32.10 -16.75 1.78
CA THR A 358 32.06 -16.02 3.06
C THR A 358 30.67 -16.03 3.68
N SER A 359 30.65 -15.83 5.00
CA SER A 359 29.43 -15.62 5.75
C SER A 359 29.41 -14.17 6.23
N VAL A 360 28.30 -13.78 6.84
CA VAL A 360 28.22 -12.47 7.48
C VAL A 360 28.99 -12.48 8.80
N TRP A 361 29.52 -11.32 9.18
CA TRP A 361 30.17 -11.15 10.48
C TRP A 361 29.12 -10.73 11.52
N GLU A 362 29.57 -10.44 12.74
CA GLU A 362 28.72 -9.89 13.79
C GLU A 362 27.91 -8.67 13.33
N ARG A 363 28.51 -7.83 12.50
CA ARG A 363 27.78 -6.71 11.89
C ARG A 363 28.21 -6.46 10.44
N CYS A 364 27.33 -5.83 9.66
CA CYS A 364 27.57 -5.65 8.23
C CYS A 364 28.52 -4.50 7.94
N CYS A 365 28.30 -3.38 8.61
CA CYS A 365 28.86 -2.11 8.17
C CYS A 365 29.60 -1.33 9.26
N ALA A 366 30.37 -0.35 8.80
CA ALA A 366 31.21 0.49 9.67
C ALA A 366 31.78 1.65 8.85
N LYS A 367 32.18 2.72 9.51
CA LYS A 367 32.80 3.84 8.80
C LYS A 367 34.04 4.32 9.54
N THR A 368 34.87 5.09 8.85
CA THR A 368 36.04 5.72 9.47
C THR A 368 35.69 7.13 9.95
N GLU A 369 36.58 7.69 10.76
CA GLU A 369 36.47 9.06 11.24
C GLU A 369 36.47 10.02 10.04
N ASP A 370 37.24 9.67 9.02
CA ASP A 370 37.29 10.39 7.75
C ASP A 370 35.94 10.42 7.03
N GLY A 371 35.29 9.26 6.93
CA GLY A 371 34.01 9.15 6.24
C GLY A 371 33.84 7.88 5.40
N THR A 372 34.95 7.26 5.03
CA THR A 372 34.97 6.07 4.18
C THR A 372 34.21 4.88 4.78
N GLU A 373 33.25 4.35 4.02
CA GLU A 373 32.43 3.22 4.47
C GLU A 373 33.22 1.92 4.45
N ILE A 374 32.85 0.99 5.32
CA ILE A 374 33.55 -0.29 5.49
C ILE A 374 32.53 -1.43 5.58
N ARG A 375 32.87 -2.57 5.01
CA ARG A 375 32.02 -3.76 5.06
C ARG A 375 32.80 -4.96 5.55
N PHE A 376 32.12 -5.87 6.24
CA PHE A 376 32.76 -7.03 6.85
C PHE A 376 32.24 -8.33 6.25
N THR A 377 33.17 -9.22 5.89
CA THR A 377 32.85 -10.61 5.56
C THR A 377 33.69 -11.54 6.41
N ARG A 378 33.12 -12.68 6.79
CA ARG A 378 33.79 -13.68 7.62
C ARG A 378 34.12 -14.91 6.80
N LYS A 379 35.15 -15.64 7.21
CA LYS A 379 35.47 -16.95 6.64
C LYS A 379 36.15 -17.77 7.72
N CYS A 380 35.32 -18.28 8.64
CA CYS A 380 35.76 -18.96 9.86
C CYS A 380 36.37 -17.95 10.85
N ASN A 381 37.64 -18.14 11.21
CA ASN A 381 38.32 -17.26 12.17
C ASN A 381 38.89 -16.00 11.52
N ARG A 382 38.91 -15.99 10.18
CA ARG A 382 39.33 -14.83 9.42
C ARG A 382 38.17 -13.87 9.24
N ILE A 383 38.42 -12.59 9.38
CA ILE A 383 37.38 -11.58 9.15
C ILE A 383 37.96 -10.46 8.28
N PHE A 384 37.47 -10.40 7.04
CA PHE A 384 37.92 -9.42 6.06
C PHE A 384 37.29 -8.06 6.29
N VAL A 385 38.11 -7.01 6.19
CA VAL A 385 37.67 -5.63 6.38
C VAL A 385 37.82 -4.88 5.06
N ILE A 386 36.71 -4.74 4.34
CA ILE A 386 36.71 -4.20 2.98
C ILE A 386 36.27 -2.74 2.94
N PHE A 387 37.21 -1.85 2.66
CA PHE A 387 36.98 -0.42 2.56
C PHE A 387 36.38 -0.08 1.19
N LEU A 388 35.25 0.62 1.18
CA LEU A 388 34.66 1.10 -0.07
C LEU A 388 35.39 2.36 -0.53
N GLY A 389 36.54 2.13 -1.19
CA GLY A 389 37.46 3.21 -1.53
C GLY A 389 38.80 2.96 -0.89
N ILE A 390 39.79 3.75 -1.30
CA ILE A 390 41.15 3.64 -0.77
C ILE A 390 41.52 4.91 0.00
N PRO A 391 41.55 4.84 1.33
CA PRO A 391 41.92 5.99 2.17
C PRO A 391 43.26 6.61 1.75
N THR A 392 43.32 7.93 1.70
CA THR A 392 44.52 8.62 1.23
C THR A 392 45.56 8.81 2.34
N GLY A 393 45.19 8.52 3.59
CA GLY A 393 46.09 8.66 4.73
C GLY A 393 46.49 7.33 5.33
N GLU A 394 47.71 7.27 5.87
CA GLU A 394 48.24 6.05 6.49
C GLU A 394 47.53 5.75 7.81
N LYS A 395 47.33 6.78 8.64
CA LYS A 395 46.60 6.63 9.89
C LYS A 395 45.10 6.55 9.63
N ILE A 396 44.54 5.36 9.80
CA ILE A 396 43.11 5.10 9.61
C ILE A 396 42.45 4.84 10.96
N VAL A 397 41.38 5.58 11.26
CA VAL A 397 40.63 5.39 12.50
C VAL A 397 39.22 4.88 12.17
N ILE A 398 38.93 3.64 12.56
CA ILE A 398 37.62 3.04 12.32
C ILE A 398 36.72 3.21 13.54
N GLU A 399 35.55 3.83 13.34
CA GLU A 399 34.60 4.11 14.42
C GLU A 399 33.91 2.86 14.98
N ASP A 400 33.47 2.96 16.23
CA ASP A 400 32.76 1.89 16.95
C ASP A 400 33.21 0.46 16.62
N LEU A 401 34.52 0.22 16.63
CA LEU A 401 35.07 -1.11 16.36
C LEU A 401 36.25 -1.44 17.28
N ASN A 402 36.10 -2.48 18.09
CA ASN A 402 37.20 -3.03 18.89
C ASN A 402 37.49 -4.44 18.42
N LEU A 403 38.72 -4.66 17.94
CA LEU A 403 39.14 -5.99 17.47
C LEU A 403 39.95 -6.69 18.56
N SER A 404 39.52 -7.90 18.91
CA SER A 404 40.22 -8.71 19.93
C SER A 404 41.62 -9.07 19.43
N ALA A 405 42.63 -8.42 20.03
CA ALA A 405 44.03 -8.54 19.60
C ALA A 405 44.37 -9.81 18.83
N GLY A 406 44.19 -9.77 17.51
CA GLY A 406 44.53 -10.88 16.63
C GLY A 406 45.82 -10.58 15.88
N THR A 407 45.78 -10.75 14.56
CA THR A 407 46.87 -10.32 13.68
C THR A 407 46.27 -9.73 12.42
N VAL A 408 46.12 -8.40 12.40
CA VAL A 408 45.55 -7.71 11.24
C VAL A 408 46.58 -7.65 10.13
N ARG A 409 46.33 -8.38 9.05
CA ARG A 409 47.21 -8.39 7.88
C ARG A 409 46.60 -7.53 6.79
N HIS A 410 47.44 -6.87 6.00
CA HIS A 410 47.06 -6.36 4.69
C HIS A 410 46.77 -7.58 3.81
N PHE A 411 45.60 -7.59 3.18
CA PHE A 411 45.10 -8.80 2.51
C PHE A 411 45.90 -9.21 1.28
N LEU A 412 46.09 -8.27 0.35
CA LEU A 412 46.65 -8.57 -0.96
C LEU A 412 48.14 -8.94 -0.92
N THR A 413 48.90 -8.27 -0.06
CA THR A 413 50.34 -8.52 0.08
C THR A 413 50.66 -9.52 1.18
N GLY A 414 49.73 -9.69 2.11
CA GLY A 414 49.92 -10.54 3.27
C GLY A 414 50.78 -9.93 4.38
N GLU A 415 51.26 -8.71 4.20
CA GLU A 415 52.15 -8.07 5.18
C GLU A 415 51.37 -7.79 6.46
N ARG A 416 52.08 -7.76 7.58
CA ARG A 416 51.45 -7.51 8.88
C ARG A 416 51.35 -6.00 9.15
N LEU A 417 50.28 -5.62 9.84
CA LEU A 417 50.01 -4.23 10.17
C LEU A 417 49.84 -4.04 11.67
N SER A 418 50.36 -2.94 12.18
CA SER A 418 50.24 -2.61 13.59
C SER A 418 48.90 -1.93 13.85
N PHE A 419 48.24 -2.33 14.93
CA PHE A 419 47.00 -1.70 15.37
C PHE A 419 46.91 -1.63 16.89
N LYS A 420 46.22 -0.60 17.39
CA LYS A 420 45.87 -0.51 18.79
C LYS A 420 44.38 -0.21 18.97
N ASN A 421 43.84 -0.67 20.09
CA ASN A 421 42.48 -0.34 20.49
C ASN A 421 42.50 1.00 21.24
N VAL A 422 41.59 1.90 20.85
CA VAL A 422 41.50 3.24 21.43
C VAL A 422 40.04 3.61 21.68
N GLY A 423 39.60 3.44 22.94
CA GLY A 423 38.24 3.73 23.32
C GLY A 423 37.26 2.87 22.56
N LYS A 424 36.33 3.51 21.85
CA LYS A 424 35.37 2.81 21.00
C LYS A 424 36.02 2.35 19.69
N ASN A 425 36.93 3.17 19.16
CA ASN A 425 37.51 2.99 17.83
C ASN A 425 38.70 2.03 17.77
N LEU A 426 39.25 1.83 16.56
CA LEU A 426 40.41 0.98 16.32
C LEU A 426 41.39 1.69 15.38
N GLU A 427 42.44 2.27 15.96
CA GLU A 427 43.49 2.91 15.17
C GLU A 427 44.38 1.85 14.51
N ILE A 428 44.71 2.07 13.25
CA ILE A 428 45.58 1.19 12.49
C ILE A 428 46.46 2.01 11.54
N THR A 429 47.65 1.51 11.26
CA THR A 429 48.59 2.21 10.40
C THR A 429 49.01 1.29 9.25
N VAL A 430 48.55 1.62 8.05
CA VAL A 430 48.89 0.88 6.83
C VAL A 430 49.75 1.80 5.97
N PRO A 431 50.99 1.39 5.68
CA PRO A 431 51.92 2.20 4.87
C PRO A 431 51.35 2.60 3.50
N LYS A 432 51.85 3.71 2.97
CA LYS A 432 51.46 4.18 1.64
C LYS A 432 51.77 3.13 0.57
N LYS A 433 52.89 2.42 0.73
CA LYS A 433 53.29 1.35 -0.18
C LYS A 433 52.16 0.36 -0.46
N LEU A 434 51.39 0.04 0.59
CA LEU A 434 50.30 -0.94 0.50
C LEU A 434 48.96 -0.35 0.01
N LEU A 435 48.71 0.92 0.29
CA LEU A 435 47.48 1.58 -0.18
C LEU A 435 47.49 1.72 -1.70
N GLU A 436 48.66 2.03 -2.26
CA GLU A 436 48.83 2.14 -3.71
C GLU A 436 48.83 0.76 -4.38
N THR A 437 49.04 -0.29 -3.60
CA THR A 437 48.99 -1.67 -4.11
C THR A 437 47.56 -2.09 -4.43
N ASP A 438 46.63 -1.76 -3.53
CA ASP A 438 45.24 -2.16 -3.68
C ASP A 438 44.58 -1.46 -4.87
N SER A 439 43.55 -2.10 -5.43
CA SER A 439 42.77 -1.56 -6.53
C SER A 439 41.31 -1.44 -6.11
N ILE A 440 40.79 -0.21 -6.09
CA ILE A 440 39.39 0.12 -5.73
C ILE A 440 39.09 0.08 -4.21
N THR A 441 39.46 -1.02 -3.56
CA THR A 441 39.18 -1.22 -2.15
C THR A 441 40.45 -1.56 -1.37
N LEU A 442 40.61 -0.93 -0.20
CA LEU A 442 41.60 -1.38 0.78
C LEU A 442 41.01 -2.58 1.50
N VAL A 443 41.75 -3.68 1.54
CA VAL A 443 41.27 -4.90 2.17
C VAL A 443 42.26 -5.38 3.21
N LEU A 444 41.78 -5.50 4.46
CA LEU A 444 42.56 -6.03 5.58
C LEU A 444 42.02 -7.42 5.95
N GLU A 445 42.62 -8.05 6.96
CA GLU A 445 42.34 -9.45 7.29
C GLU A 445 42.75 -9.78 8.73
N ALA A 446 41.86 -9.52 9.67
CA ALA A 446 42.10 -9.85 11.07
C ALA A 446 41.85 -11.33 11.33
N VAL A 447 42.19 -11.80 12.54
CA VAL A 447 41.94 -13.18 12.94
C VAL A 447 41.38 -13.23 14.37
N ARG B 7 -39.00 -10.13 0.39
CA ARG B 7 -38.15 -10.85 1.38
C ARG B 7 -36.75 -11.04 0.82
N TYR B 8 -35.76 -10.73 1.63
CA TYR B 8 -34.36 -10.94 1.28
C TYR B 8 -33.94 -12.34 1.68
N LYS B 9 -33.24 -13.00 0.76
CA LYS B 9 -32.61 -14.27 1.04
C LYS B 9 -31.22 -14.01 1.58
N PRO B 10 -30.68 -14.94 2.38
CA PRO B 10 -29.32 -14.82 2.92
C PRO B 10 -28.22 -15.24 1.92
N ASP B 11 -28.05 -14.45 0.86
CA ASP B 11 -26.89 -14.59 -0.04
C ASP B 11 -26.65 -13.29 -0.79
N TRP B 12 -25.39 -13.04 -1.15
CA TRP B 12 -24.98 -11.73 -1.63
C TRP B 12 -25.73 -11.25 -2.87
N GLU B 13 -26.02 -12.16 -3.79
CA GLU B 13 -26.78 -11.84 -5.01
C GLU B 13 -28.15 -11.27 -4.69
N SER B 14 -28.84 -11.89 -3.73
CA SER B 14 -30.15 -11.44 -3.29
C SER B 14 -30.12 -10.12 -2.50
N LEU B 15 -29.09 -9.92 -1.69
CA LEU B 15 -29.01 -8.72 -0.85
C LEU B 15 -28.66 -7.48 -1.66
N ARG B 16 -28.11 -7.67 -2.86
CA ARG B 16 -27.82 -6.57 -3.76
C ARG B 16 -29.11 -5.80 -4.15
N GLU B 17 -30.24 -6.51 -4.18
CA GLU B 17 -31.55 -5.90 -4.41
C GLU B 17 -31.88 -4.75 -3.45
N HIS B 18 -31.27 -4.76 -2.28
CA HIS B 18 -31.41 -3.67 -1.32
C HIS B 18 -30.50 -2.48 -1.67
N THR B 19 -31.07 -1.45 -2.29
CA THR B 19 -30.35 -0.20 -2.52
C THR B 19 -30.47 0.68 -1.29
N VAL B 20 -29.74 1.78 -1.28
CA VAL B 20 -29.76 2.70 -0.14
C VAL B 20 -31.18 3.32 0.01
N PRO B 21 -31.70 3.33 1.24
CA PRO B 21 -33.03 3.90 1.49
C PRO B 21 -33.14 5.38 1.14
N LYS B 22 -34.33 5.77 0.70
CA LYS B 22 -34.57 7.15 0.26
C LYS B 22 -34.32 8.16 1.36
N TRP B 23 -34.74 7.85 2.59
CA TRP B 23 -34.55 8.79 3.70
C TRP B 23 -33.08 9.16 3.91
N PHE B 24 -32.20 8.19 3.76
CA PHE B 24 -30.76 8.39 3.99
C PHE B 24 -30.14 9.27 2.91
N ASP B 25 -30.52 9.05 1.66
CA ASP B 25 -30.02 9.87 0.56
C ASP B 25 -30.46 11.33 0.72
N LYS B 26 -31.66 11.52 1.26
CA LYS B 26 -32.25 12.85 1.46
C LYS B 26 -31.82 13.49 2.79
N ALA B 27 -31.31 12.68 3.72
CA ALA B 27 -31.01 13.15 5.07
C ALA B 27 -29.96 14.25 5.04
N LYS B 28 -28.85 13.97 4.36
CA LYS B 28 -27.73 14.89 4.14
C LYS B 28 -26.83 15.13 5.34
N PHE B 29 -27.38 15.22 6.55
CA PHE B 29 -26.62 15.60 7.73
C PHE B 29 -27.01 14.76 8.94
N GLY B 30 -26.01 14.21 9.63
CA GLY B 30 -26.21 13.39 10.81
C GLY B 30 -25.16 13.63 11.87
N ILE B 31 -25.46 13.24 13.11
CA ILE B 31 -24.57 13.41 14.24
C ILE B 31 -23.94 12.07 14.64
N PHE B 32 -22.61 12.02 14.62
CA PHE B 32 -21.86 10.92 15.20
C PHE B 32 -21.73 11.26 16.68
N ILE B 33 -21.69 10.25 17.53
CA ILE B 33 -21.39 10.45 18.96
C ILE B 33 -20.37 9.43 19.44
N HIS B 34 -19.16 9.90 19.71
CA HIS B 34 -18.13 9.08 20.35
C HIS B 34 -18.14 9.35 21.84
N TRP B 35 -18.60 8.37 22.58
CA TRP B 35 -18.83 8.50 24.01
C TRP B 35 -18.61 7.14 24.63
N GLY B 36 -17.69 7.08 25.59
CA GLY B 36 -17.46 5.88 26.37
C GLY B 36 -16.73 6.17 27.67
N ILE B 37 -16.03 5.16 28.19
CA ILE B 37 -15.27 5.33 29.42
C ILE B 37 -13.97 6.08 29.11
N TYR B 38 -13.59 6.12 27.83
CA TYR B 38 -12.45 6.93 27.38
C TYR B 38 -12.73 8.43 27.48
N SER B 39 -14.00 8.80 27.57
CA SER B 39 -14.39 10.20 27.80
C SER B 39 -14.04 10.70 29.21
N VAL B 40 -13.86 9.78 30.15
CA VAL B 40 -13.49 10.14 31.54
C VAL B 40 -12.10 10.79 31.62
N PRO B 41 -11.04 10.08 31.20
CA PRO B 41 -9.72 10.73 31.15
C PRO B 41 -9.69 11.79 30.06
N GLY B 42 -10.40 11.52 28.97
CA GLY B 42 -10.56 12.44 27.85
C GLY B 42 -9.30 13.21 27.50
N TRP B 43 -8.21 12.49 27.24
CA TRP B 43 -6.91 13.10 26.97
C TRP B 43 -6.24 12.53 25.72
N ALA B 44 -5.55 13.41 25.00
CA ALA B 44 -4.78 13.03 23.83
C ALA B 44 -3.76 14.10 23.47
N THR B 45 -2.62 13.67 22.94
CA THR B 45 -1.55 14.57 22.56
C THR B 45 -1.98 15.52 21.43
N PRO B 46 -1.54 16.78 21.47
CA PRO B 46 -2.06 17.82 20.56
C PRO B 46 -1.80 17.56 19.09
N ASP B 56 4.98 8.17 10.08
CA ASP B 56 4.50 6.91 10.62
C ASP B 56 4.76 6.82 12.14
N ALA B 57 4.52 7.92 12.84
CA ALA B 57 4.58 7.95 14.31
C ALA B 57 3.19 8.23 14.89
N TRP B 58 2.16 7.87 14.13
CA TRP B 58 0.77 8.22 14.44
C TRP B 58 0.28 7.58 15.75
N PHE B 59 0.53 6.28 15.93
CA PHE B 59 -0.01 5.56 17.08
C PHE B 59 0.75 5.85 18.38
N PHE B 60 1.99 6.33 18.26
CA PHE B 60 2.79 6.71 19.41
C PHE B 60 2.36 8.07 19.99
N GLN B 61 1.77 8.90 19.13
CA GLN B 61 1.26 10.21 19.53
C GLN B 61 -0.17 10.36 19.05
N ASN B 62 -1.03 9.41 19.43
CA ASN B 62 -2.41 9.38 18.93
C ASN B 62 -3.18 10.63 19.33
N PRO B 63 -3.65 11.41 18.34
CA PRO B 63 -4.49 12.58 18.60
C PRO B 63 -5.95 12.23 18.91
N TYR B 64 -6.30 10.93 18.82
CA TYR B 64 -7.65 10.46 19.07
C TYR B 64 -7.76 10.00 20.53
N ALA B 65 -8.63 10.64 21.29
CA ALA B 65 -8.83 10.31 22.69
C ALA B 65 -9.50 8.95 22.91
N GLU B 66 -10.23 8.46 21.90
CA GLU B 66 -10.89 7.15 21.98
C GLU B 66 -9.87 6.03 22.05
N TRP B 67 -8.71 6.27 21.46
CA TRP B 67 -7.60 5.31 21.47
C TRP B 67 -6.75 5.38 22.75
N TYR B 68 -7.27 6.00 23.81
CA TYR B 68 -6.56 6.15 25.08
C TYR B 68 -5.91 4.85 25.56
N GLU B 69 -6.67 3.76 25.55
CA GLU B 69 -6.16 2.48 26.05
C GLU B 69 -5.03 1.93 25.21
N ASN B 70 -5.14 2.04 23.89
CA ASN B 70 -4.07 1.61 23.00
C ASN B 70 -2.79 2.39 23.26
N SER B 71 -2.92 3.71 23.32
CA SER B 71 -1.81 4.61 23.64
C SER B 71 -1.23 4.31 25.02
N LEU B 72 -2.09 3.91 25.95
CA LEU B 72 -1.68 3.60 27.33
C LEU B 72 -0.88 2.30 27.40
N ARG B 73 -1.16 1.37 26.49
CA ARG B 73 -0.46 0.09 26.43
C ARG B 73 0.94 0.25 25.85
N ILE B 74 1.16 1.36 25.15
CA ILE B 74 2.50 1.74 24.70
C ILE B 74 3.18 2.48 25.84
N LYS B 75 4.08 1.80 26.55
CA LYS B 75 4.75 2.37 27.75
C LYS B 75 5.50 3.68 27.48
N GLU B 76 6.01 3.84 26.25
CA GLU B 76 6.81 5.00 25.88
C GLU B 76 5.99 6.30 25.80
N SER B 77 4.73 6.19 25.41
CA SER B 77 3.92 7.31 24.93
C SER B 77 3.59 8.42 25.95
N PRO B 78 3.24 9.60 25.45
CA PRO B 78 2.71 10.67 26.30
C PRO B 78 1.38 10.35 26.99
N THR B 79 0.56 9.47 26.41
CA THR B 79 -0.65 9.03 27.11
C THR B 79 -0.27 8.26 28.37
N TRP B 80 0.80 7.48 28.29
CA TRP B 80 1.30 6.73 29.43
C TRP B 80 1.87 7.65 30.51
N GLU B 81 2.58 8.71 30.09
CA GLU B 81 3.12 9.69 31.02
C GLU B 81 1.98 10.38 31.77
N TYR B 82 1.02 10.90 31.01
CA TYR B 82 -0.14 11.57 31.57
C TYR B 82 -0.91 10.67 32.52
N HIS B 83 -1.13 9.43 32.11
CA HIS B 83 -1.93 8.49 32.89
C HIS B 83 -1.26 8.12 34.21
N VAL B 84 0.05 7.94 34.19
CA VAL B 84 0.80 7.46 35.34
C VAL B 84 0.97 8.57 36.38
N LYS B 85 0.77 9.80 35.95
CA LYS B 85 0.90 10.98 36.82
C LYS B 85 -0.47 11.45 37.33
N THR B 86 -1.49 11.36 36.48
CA THR B 86 -2.86 11.78 36.81
C THR B 86 -3.62 10.73 37.61
N TYR B 87 -3.36 9.45 37.33
CA TYR B 87 -4.11 8.33 37.90
C TYR B 87 -3.26 7.27 38.61
N GLY B 88 -1.97 7.17 38.26
CA GLY B 88 -1.06 6.19 38.84
C GLY B 88 -0.78 5.00 37.94
N GLU B 89 0.43 4.44 38.07
CA GLU B 89 0.87 3.28 37.29
C GLU B 89 -0.06 2.06 37.38
N ASN B 90 -0.61 1.82 38.56
CA ASN B 90 -1.46 0.66 38.82
C ASN B 90 -2.96 0.96 38.62
N PHE B 91 -3.27 2.01 37.87
CA PHE B 91 -4.65 2.33 37.53
C PHE B 91 -4.99 1.72 36.18
N GLU B 92 -5.54 0.50 36.23
CA GLU B 92 -5.95 -0.21 35.01
C GLU B 92 -6.99 0.59 34.25
N TYR B 93 -6.95 0.53 32.92
CA TYR B 93 -7.88 1.27 32.06
C TYR B 93 -9.34 0.90 32.31
N GLU B 94 -9.57 -0.38 32.65
CA GLU B 94 -10.90 -0.91 32.95
C GLU B 94 -11.58 -0.19 34.12
N LYS B 95 -10.78 0.36 35.02
CA LYS B 95 -11.28 1.09 36.18
C LYS B 95 -12.08 2.36 35.82
N PHE B 96 -11.86 2.91 34.63
CA PHE B 96 -12.62 4.07 34.13
C PHE B 96 -14.11 3.78 33.96
N ALA B 97 -14.47 2.51 33.77
CA ALA B 97 -15.86 2.10 33.66
C ALA B 97 -16.68 2.50 34.89
N ASP B 98 -16.06 2.42 36.06
CA ASP B 98 -16.73 2.81 37.31
C ASP B 98 -16.71 4.32 37.57
N LEU B 99 -15.79 5.03 36.93
CA LEU B 99 -15.75 6.49 36.99
C LEU B 99 -16.72 7.13 36.00
N PHE B 100 -17.22 6.34 35.05
CA PHE B 100 -18.06 6.83 33.97
C PHE B 100 -19.54 6.76 34.39
N THR B 101 -19.97 7.76 35.15
CA THR B 101 -21.28 7.71 35.81
C THR B 101 -22.41 8.44 35.08
N ALA B 102 -22.06 9.23 34.06
CA ALA B 102 -23.01 10.04 33.31
C ALA B 102 -24.12 10.61 34.19
N GLU B 103 -23.72 11.26 35.28
CA GLU B 103 -24.66 11.72 36.31
C GLU B 103 -25.55 12.87 35.85
N LYS B 104 -25.01 13.73 34.99
CA LYS B 104 -25.77 14.86 34.43
C LYS B 104 -26.05 14.67 32.93
N TRP B 105 -26.42 13.45 32.55
CA TRP B 105 -26.81 13.13 31.18
C TRP B 105 -28.32 13.21 31.03
N ASP B 106 -28.80 14.09 30.14
CA ASP B 106 -30.20 14.11 29.75
C ASP B 106 -30.31 13.89 28.25
N PRO B 107 -30.77 12.71 27.83
CA PRO B 107 -30.89 12.38 26.41
C PRO B 107 -31.89 13.22 25.62
N GLN B 108 -32.97 13.68 26.24
CA GLN B 108 -33.91 14.59 25.58
C GLN B 108 -33.23 15.91 25.21
N GLU B 109 -32.32 16.38 26.06
CA GLU B 109 -31.56 17.60 25.79
C GLU B 109 -30.57 17.42 24.63
N TRP B 110 -30.02 16.22 24.48
CA TRP B 110 -29.18 15.88 23.34
C TRP B 110 -29.99 15.87 22.06
N ALA B 111 -31.14 15.23 22.11
CA ALA B 111 -31.99 15.06 20.93
C ALA B 111 -32.51 16.41 20.45
N ASP B 112 -32.81 17.31 21.38
CA ASP B 112 -33.25 18.66 21.02
C ASP B 112 -32.10 19.43 20.39
N LEU B 113 -30.90 19.23 20.91
CA LEU B 113 -29.71 19.91 20.39
C LEU B 113 -29.44 19.47 18.95
N PHE B 114 -29.51 18.17 18.70
CA PHE B 114 -29.22 17.63 17.38
C PHE B 114 -30.31 18.00 16.37
N LYS B 115 -31.54 18.11 16.85
CA LYS B 115 -32.66 18.49 15.98
C LYS B 115 -32.55 19.96 15.57
N LYS B 116 -32.19 20.82 16.53
CA LYS B 116 -31.98 22.24 16.27
C LYS B 116 -30.75 22.50 15.41
N ALA B 117 -29.80 21.57 15.45
CA ALA B 117 -28.58 21.65 14.64
C ALA B 117 -28.87 21.31 13.19
N GLY B 118 -30.02 20.68 12.95
CA GLY B 118 -30.49 20.37 11.61
C GLY B 118 -30.22 18.93 11.18
N ALA B 119 -29.72 18.11 12.09
CA ALA B 119 -29.41 16.71 11.79
C ALA B 119 -30.70 15.91 11.63
N LYS B 120 -30.69 14.97 10.69
CA LYS B 120 -31.81 14.09 10.44
C LYS B 120 -31.59 12.66 10.97
N TYR B 121 -30.38 12.37 11.42
CA TYR B 121 -30.10 11.07 12.05
C TYR B 121 -28.91 11.11 13.00
N VAL B 122 -28.90 10.19 13.97
CA VAL B 122 -27.94 10.20 15.09
C VAL B 122 -27.37 8.79 15.31
N ILE B 123 -26.05 8.71 15.46
CA ILE B 123 -25.34 7.42 15.52
C ILE B 123 -24.33 7.45 16.68
N PRO B 124 -24.66 6.83 17.82
CA PRO B 124 -23.72 6.72 18.93
C PRO B 124 -22.86 5.48 18.84
N THR B 125 -21.71 5.51 19.50
CA THR B 125 -20.85 4.34 19.62
C THR B 125 -21.46 3.41 20.65
N THR B 126 -22.07 2.33 20.19
CA THR B 126 -22.55 1.29 21.10
C THR B 126 -21.37 0.57 21.75
N LYS B 127 -20.31 0.38 20.97
CA LYS B 127 -19.09 -0.24 21.46
C LYS B 127 -17.93 0.14 20.56
N HIS B 128 -16.94 0.83 21.12
CA HIS B 128 -15.75 1.22 20.37
C HIS B 128 -14.69 0.12 20.52
N HIS B 129 -13.46 0.42 20.11
CA HIS B 129 -12.38 -0.57 20.11
C HIS B 129 -12.07 -1.12 21.51
N ASP B 130 -12.27 -0.34 22.56
CA ASP B 130 -11.99 -0.81 23.92
C ASP B 130 -12.97 -1.91 24.40
N GLY B 131 -14.10 -2.04 23.72
CA GLY B 131 -15.00 -3.15 23.96
C GLY B 131 -16.04 -2.92 25.04
N PHE B 132 -16.06 -1.73 25.63
CA PHE B 132 -17.11 -1.37 26.57
C PHE B 132 -18.39 -1.04 25.82
N CYS B 133 -19.46 -1.74 26.18
CA CYS B 133 -20.75 -1.60 25.53
C CYS B 133 -21.64 -0.60 26.28
N LEU B 134 -22.33 0.29 25.54
CA LEU B 134 -23.18 1.31 26.13
C LEU B 134 -24.62 0.85 26.24
N TRP B 135 -24.83 -0.47 26.30
CA TRP B 135 -26.17 -1.02 26.51
C TRP B 135 -26.12 -2.28 27.36
N GLY B 136 -27.29 -2.76 27.78
CA GLY B 136 -27.37 -3.90 28.67
C GLY B 136 -27.26 -5.23 27.93
N THR B 137 -26.15 -5.42 27.24
CA THR B 137 -25.90 -6.66 26.51
C THR B 137 -25.78 -7.81 27.49
N LYS B 138 -26.19 -9.00 27.05
CA LYS B 138 -26.10 -10.18 27.92
C LYS B 138 -24.91 -11.07 27.55
N TYR B 139 -23.96 -10.53 26.78
CA TYR B 139 -22.78 -11.28 26.31
C TYR B 139 -21.47 -10.77 26.92
N THR B 140 -21.55 -9.72 27.72
CA THR B 140 -20.43 -9.27 28.55
C THR B 140 -20.97 -8.42 29.70
N ASP B 141 -20.27 -8.46 30.83
CA ASP B 141 -20.61 -7.65 32.01
C ASP B 141 -19.90 -6.31 32.00
N PHE B 142 -19.18 -6.03 30.92
CA PHE B 142 -18.40 -4.81 30.76
C PHE B 142 -19.26 -3.85 29.93
N ASN B 143 -20.34 -3.37 30.55
CA ASN B 143 -21.29 -2.49 29.89
C ASN B 143 -21.82 -1.41 30.84
N SER B 144 -22.65 -0.52 30.30
CA SER B 144 -23.14 0.64 31.05
C SER B 144 -24.22 0.32 32.07
N VAL B 145 -24.86 -0.85 31.96
CA VAL B 145 -25.91 -1.27 32.91
C VAL B 145 -25.31 -1.86 34.19
N LYS B 146 -24.26 -2.68 34.06
CA LYS B 146 -23.62 -3.32 35.20
C LYS B 146 -22.57 -2.40 35.83
N ARG B 147 -21.91 -1.59 35.01
CA ARG B 147 -20.85 -0.68 35.48
C ARG B 147 -21.29 0.77 35.32
N GLY B 148 -20.54 1.68 35.95
CA GLY B 148 -20.67 3.11 35.73
C GLY B 148 -22.06 3.73 35.77
N PRO B 149 -22.65 4.03 34.60
CA PRO B 149 -23.93 4.75 34.55
C PRO B 149 -25.12 4.01 35.15
N LYS B 150 -25.02 2.69 35.27
CA LYS B 150 -26.13 1.84 35.70
C LYS B 150 -27.37 2.13 34.87
N ARG B 151 -27.18 2.22 33.55
CA ARG B 151 -28.21 2.75 32.67
C ARG B 151 -27.96 2.30 31.24
N ASP B 152 -29.03 1.91 30.54
CA ASP B 152 -28.94 1.53 29.13
C ASP B 152 -28.83 2.80 28.30
N LEU B 153 -27.61 3.23 28.06
CA LEU B 153 -27.35 4.49 27.36
C LEU B 153 -27.85 4.50 25.92
N VAL B 154 -27.64 3.40 25.19
CA VAL B 154 -28.04 3.30 23.79
C VAL B 154 -29.56 3.40 23.65
N GLY B 155 -30.27 2.66 24.49
CA GLY B 155 -31.72 2.58 24.43
C GLY B 155 -32.42 3.87 24.78
N ASP B 156 -31.91 4.57 25.79
CA ASP B 156 -32.48 5.84 26.21
C ASP B 156 -32.19 6.95 25.21
N LEU B 157 -31.06 6.86 24.52
CA LEU B 157 -30.74 7.79 23.45
C LEU B 157 -31.61 7.51 22.24
N ALA B 158 -31.87 6.23 21.98
CA ALA B 158 -32.72 5.82 20.86
C ALA B 158 -34.15 6.30 21.04
N LYS B 159 -34.66 6.20 22.26
CA LYS B 159 -35.99 6.68 22.59
C LYS B 159 -36.08 8.18 22.37
N ALA B 160 -35.08 8.91 22.83
CA ALA B 160 -35.10 10.38 22.79
C ALA B 160 -34.92 10.91 21.37
N VAL B 161 -34.04 10.26 20.63
CA VAL B 161 -33.75 10.65 19.26
C VAL B 161 -35.00 10.47 18.41
N ARG B 162 -35.69 9.35 18.58
CA ARG B 162 -36.88 9.03 17.80
C ARG B 162 -38.12 9.85 18.21
N GLU B 163 -38.16 10.27 19.47
CA GLU B 163 -39.22 11.15 19.98
C GLU B 163 -39.06 12.57 19.43
N ALA B 164 -37.82 12.94 19.12
CA ALA B 164 -37.51 14.23 18.48
C ALA B 164 -37.71 14.19 16.96
N GLY B 165 -38.04 13.01 16.42
CA GLY B 165 -38.37 12.85 15.02
C GLY B 165 -37.18 12.55 14.13
N LEU B 166 -36.09 12.08 14.74
CA LEU B 166 -34.87 11.75 14.00
C LEU B 166 -34.66 10.25 13.92
N ARG B 167 -33.92 9.83 12.91
CA ARG B 167 -33.55 8.43 12.74
C ARG B 167 -32.39 8.09 13.69
N PHE B 168 -32.26 6.81 14.01
CA PHE B 168 -31.27 6.36 14.99
C PHE B 168 -30.47 5.19 14.43
N GLY B 169 -29.15 5.35 14.39
CA GLY B 169 -28.25 4.30 13.95
C GLY B 169 -27.36 3.84 15.09
N VAL B 170 -26.52 2.84 14.81
CA VAL B 170 -25.56 2.33 15.79
C VAL B 170 -24.19 2.08 15.18
N TYR B 171 -23.18 2.64 15.81
CA TYR B 171 -21.79 2.32 15.52
C TYR B 171 -21.43 1.09 16.33
N TYR B 172 -20.69 0.16 15.73
CA TYR B 172 -20.18 -1.01 16.44
C TYR B 172 -18.77 -1.34 15.93
N SER B 173 -17.83 -1.52 16.85
CA SER B 173 -16.45 -1.88 16.50
C SER B 173 -16.36 -3.39 16.39
N GLY B 174 -16.75 -3.89 15.21
CA GLY B 174 -16.76 -5.31 14.96
C GLY B 174 -15.37 -5.88 14.76
N GLY B 175 -14.48 -5.10 14.14
CA GLY B 175 -13.16 -5.57 13.77
C GLY B 175 -12.13 -5.48 14.87
N LEU B 176 -12.35 -4.58 15.81
CA LEU B 176 -11.41 -4.35 16.89
C LEU B 176 -12.13 -4.41 18.23
N ASP B 177 -11.55 -5.16 19.16
CA ASP B 177 -12.03 -5.26 20.54
C ASP B 177 -10.84 -5.60 21.43
N TRP B 178 -10.47 -4.65 22.29
CA TRP B 178 -9.24 -4.77 23.08
C TRP B 178 -9.46 -5.57 24.37
N ARG B 179 -10.71 -5.90 24.68
CA ARG B 179 -11.03 -6.93 25.68
C ARG B 179 -10.47 -8.32 25.30
N PHE B 180 -10.11 -8.51 24.02
CA PHE B 180 -9.62 -9.79 23.50
C PHE B 180 -8.14 -9.79 23.10
N THR B 181 -7.46 -8.67 23.30
CA THR B 181 -6.03 -8.55 23.06
C THR B 181 -5.34 -7.95 24.28
N THR B 182 -4.03 -8.08 24.33
CA THR B 182 -3.23 -7.46 25.39
C THR B 182 -2.17 -6.52 24.82
N GLU B 183 -1.72 -6.79 23.60
CA GLU B 183 -0.68 -6.02 22.94
C GLU B 183 -1.31 -4.83 22.20
N PRO B 184 -0.65 -3.67 22.22
CA PRO B 184 -1.13 -2.50 21.48
C PRO B 184 -0.74 -2.48 20.00
N ILE B 185 -1.37 -1.54 19.29
CA ILE B 185 -1.07 -1.24 17.90
C ILE B 185 -0.05 -0.12 17.91
N ARG B 186 1.15 -0.39 17.40
CA ARG B 186 2.20 0.62 17.29
C ARG B 186 2.33 1.15 15.85
N TYR B 187 2.01 0.30 14.89
CA TYR B 187 2.09 0.62 13.47
C TYR B 187 0.84 0.11 12.75
N PRO B 188 0.54 0.63 11.56
CA PRO B 188 -0.64 0.15 10.82
C PRO B 188 -0.57 -1.34 10.45
N GLU B 189 0.63 -1.88 10.27
CA GLU B 189 0.82 -3.29 9.93
C GLU B 189 0.45 -4.23 11.07
N ASP B 190 0.45 -3.71 12.30
CA ASP B 190 0.04 -4.47 13.49
C ASP B 190 -1.44 -4.86 13.43
N LEU B 191 -2.26 -4.05 12.78
CA LEU B 191 -3.69 -4.34 12.62
C LEU B 191 -3.97 -5.62 11.82
N SER B 192 -3.01 -6.07 11.01
CA SER B 192 -3.18 -7.30 10.24
C SER B 192 -3.16 -8.58 11.09
N TYR B 193 -2.68 -8.51 12.34
CA TYR B 193 -2.66 -9.68 13.23
C TYR B 193 -3.04 -9.45 14.71
N ILE B 194 -3.14 -8.20 15.16
CA ILE B 194 -3.50 -7.91 16.55
C ILE B 194 -5.02 -7.64 16.61
N ARG B 195 -5.76 -8.71 16.41
CA ARG B 195 -7.21 -8.76 16.40
C ARG B 195 -7.63 -9.90 17.30
N PRO B 196 -8.88 -9.94 17.73
CA PRO B 196 -9.36 -11.08 18.52
C PRO B 196 -9.06 -12.46 17.90
N ASN B 197 -9.26 -12.63 16.59
CA ASN B 197 -8.84 -13.84 15.83
C ASN B 197 -9.55 -15.17 16.12
N THR B 198 -10.33 -15.25 17.19
CA THR B 198 -10.94 -16.50 17.61
C THR B 198 -12.35 -16.64 17.01
N TYR B 199 -12.81 -17.89 16.90
CA TYR B 199 -14.20 -18.17 16.57
C TYR B 199 -15.16 -17.58 17.62
N GLU B 200 -14.71 -17.62 18.87
CA GLU B 200 -15.43 -17.08 20.00
C GLU B 200 -15.77 -15.62 19.79
N TYR B 201 -14.83 -14.85 19.28
CA TYR B 201 -15.08 -13.43 19.00
C TYR B 201 -16.03 -13.23 17.83
N ALA B 202 -15.88 -14.04 16.78
CA ALA B 202 -16.76 -13.95 15.62
C ALA B 202 -18.22 -14.14 16.00
N ASP B 203 -18.47 -15.11 16.88
CA ASP B 203 -19.81 -15.33 17.44
C ASP B 203 -20.24 -14.14 18.29
N TYR B 204 -19.32 -13.65 19.11
CA TYR B 204 -19.61 -12.54 20.03
C TYR B 204 -20.07 -11.28 19.28
N ALA B 205 -19.40 -10.98 18.18
CA ALA B 205 -19.72 -9.80 17.37
C ALA B 205 -21.05 -9.98 16.66
N TYR B 206 -21.29 -11.18 16.13
CA TYR B 206 -22.55 -11.52 15.49
C TYR B 206 -23.71 -11.37 16.47
N LYS B 207 -23.59 -11.96 17.65
CA LYS B 207 -24.64 -11.96 18.65
C LYS B 207 -24.92 -10.57 19.17
N GLN B 208 -23.89 -9.73 19.22
CA GLN B 208 -24.06 -8.37 19.72
C GLN B 208 -24.75 -7.44 18.70
N VAL B 209 -24.47 -7.57 17.42
CA VAL B 209 -25.14 -6.75 16.42
C VAL B 209 -26.57 -7.26 16.21
N MET B 210 -26.75 -8.57 16.28
CA MET B 210 -28.07 -9.20 16.26
C MET B 210 -28.93 -8.76 17.43
N GLU B 211 -28.27 -8.48 18.55
CA GLU B 211 -28.93 -8.05 19.76
C GLU B 211 -29.33 -6.59 19.64
N LEU B 212 -28.49 -5.78 19.01
CA LEU B 212 -28.82 -4.38 18.76
C LEU B 212 -30.01 -4.26 17.83
N VAL B 213 -30.07 -5.14 16.82
CA VAL B 213 -31.16 -5.19 15.86
C VAL B 213 -32.47 -5.58 16.55
N ASP B 214 -32.40 -6.59 17.40
CA ASP B 214 -33.57 -7.07 18.13
C ASP B 214 -34.08 -6.05 19.14
N LEU B 215 -33.17 -5.35 19.80
CA LEU B 215 -33.52 -4.46 20.91
C LEU B 215 -33.96 -3.08 20.44
N TYR B 216 -33.26 -2.53 19.46
CA TYR B 216 -33.43 -1.13 19.04
C TYR B 216 -33.76 -0.94 17.57
N LEU B 217 -33.63 -1.99 16.76
CA LEU B 217 -33.88 -1.92 15.31
C LEU B 217 -33.32 -0.66 14.65
N PRO B 218 -32.00 -0.49 14.67
CA PRO B 218 -31.37 0.72 14.15
C PRO B 218 -31.66 0.95 12.67
N ASP B 219 -31.77 2.22 12.29
CA ASP B 219 -31.93 2.65 10.90
C ASP B 219 -30.62 2.58 10.13
N VAL B 220 -29.51 2.56 10.88
CA VAL B 220 -28.17 2.43 10.32
C VAL B 220 -27.34 1.45 11.14
N LEU B 221 -26.62 0.58 10.44
CA LEU B 221 -25.66 -0.33 11.06
C LEU B 221 -24.29 0.11 10.60
N TRP B 222 -23.62 0.88 11.45
CA TRP B 222 -22.32 1.47 11.13
C TRP B 222 -21.20 0.66 11.76
N ASN B 223 -20.75 -0.38 11.06
CA ASN B 223 -19.63 -1.19 11.55
C ASN B 223 -18.31 -0.49 11.34
N ASP B 224 -17.29 -0.89 12.11
CA ASP B 224 -15.95 -0.32 11.97
C ASP B 224 -14.84 -1.38 12.02
N MET B 225 -13.78 -1.10 11.26
CA MET B 225 -12.53 -1.86 11.26
C MET B 225 -12.69 -3.24 10.67
N GLY B 226 -13.64 -3.39 9.75
CA GLY B 226 -13.91 -4.68 9.15
C GLY B 226 -14.62 -5.64 10.08
N TRP B 227 -14.94 -6.81 9.56
CA TRP B 227 -15.58 -7.86 10.34
C TRP B 227 -14.61 -9.05 10.41
N PRO B 228 -14.55 -9.73 11.56
CA PRO B 228 -13.66 -10.88 11.68
C PRO B 228 -13.80 -11.85 10.52
N GLU B 229 -12.68 -12.36 10.02
CA GLU B 229 -12.70 -13.20 8.83
C GLU B 229 -13.53 -14.45 9.08
N LYS B 230 -13.45 -15.00 10.28
CA LYS B 230 -14.15 -16.24 10.63
C LYS B 230 -15.68 -16.11 10.58
N GLY B 231 -16.20 -14.90 10.69
CA GLY B 231 -17.64 -14.66 10.66
C GLY B 231 -18.15 -13.77 9.54
N LYS B 232 -17.38 -13.62 8.47
CA LYS B 232 -17.82 -12.79 7.35
C LYS B 232 -19.06 -13.38 6.66
N GLU B 233 -19.15 -14.71 6.60
CA GLU B 233 -20.28 -15.37 5.96
C GLU B 233 -21.53 -15.40 6.86
N ASP B 234 -21.35 -15.06 8.14
CA ASP B 234 -22.48 -14.86 9.04
C ASP B 234 -23.35 -13.66 8.64
N LEU B 235 -22.75 -12.68 7.99
CA LEU B 235 -23.42 -11.43 7.68
C LEU B 235 -24.52 -11.54 6.61
N LYS B 236 -24.44 -12.54 5.74
CA LYS B 236 -25.55 -12.87 4.83
C LYS B 236 -26.82 -13.06 5.65
N TYR B 237 -26.67 -13.80 6.75
CA TYR B 237 -27.79 -14.12 7.64
C TYR B 237 -28.19 -12.88 8.45
N LEU B 238 -27.20 -12.10 8.86
CA LEU B 238 -27.47 -10.89 9.63
C LEU B 238 -28.18 -9.80 8.83
N PHE B 239 -27.69 -9.60 7.60
CA PHE B 239 -28.22 -8.57 6.70
C PHE B 239 -29.62 -8.91 6.21
N ALA B 240 -29.84 -10.17 5.85
CA ALA B 240 -31.16 -10.60 5.39
C ALA B 240 -32.18 -10.50 6.54
N TYR B 241 -31.78 -10.96 7.71
CA TYR B 241 -32.56 -10.83 8.95
C TYR B 241 -32.93 -9.37 9.23
N TYR B 242 -31.96 -8.49 9.10
CA TYR B 242 -32.11 -7.06 9.37
C TYR B 242 -33.07 -6.40 8.37
N TYR B 243 -32.80 -6.55 7.09
CA TYR B 243 -33.62 -5.96 6.04
C TYR B 243 -35.06 -6.49 6.04
N ASN B 244 -35.24 -7.77 6.36
CA ASN B 244 -36.57 -8.37 6.45
C ASN B 244 -37.40 -7.81 7.61
N LYS B 245 -36.73 -7.41 8.70
CA LYS B 245 -37.40 -6.75 9.83
C LYS B 245 -37.53 -5.25 9.62
N HIS B 246 -36.66 -4.69 8.77
CA HIS B 246 -36.53 -3.24 8.61
C HIS B 246 -35.95 -2.90 7.23
N PRO B 247 -36.80 -2.88 6.20
CA PRO B 247 -36.34 -2.59 4.83
C PRO B 247 -35.71 -1.20 4.66
N GLU B 248 -36.13 -0.23 5.46
CA GLU B 248 -35.56 1.12 5.44
C GLU B 248 -34.25 1.20 6.22
N GLY B 249 -33.80 0.07 6.77
CA GLY B 249 -32.52 -0.01 7.44
C GLY B 249 -31.38 0.10 6.45
N SER B 250 -30.20 0.43 6.93
CA SER B 250 -29.04 0.61 6.07
C SER B 250 -27.78 0.06 6.73
N VAL B 251 -26.72 -0.03 5.94
CA VAL B 251 -25.51 -0.74 6.32
C VAL B 251 -24.33 -0.05 5.63
N ASN B 252 -23.29 0.26 6.39
CA ASN B 252 -22.10 0.93 5.83
C ASN B 252 -21.16 -0.05 5.12
N ASP B 253 -19.97 0.41 4.76
CA ASP B 253 -19.04 -0.36 3.92
C ASP B 253 -17.79 -0.84 4.64
N ARG B 254 -17.89 -1.04 5.96
CA ARG B 254 -16.72 -1.42 6.75
C ARG B 254 -16.84 -2.84 7.33
N TRP B 255 -17.44 -3.74 6.57
CA TRP B 255 -17.56 -5.15 6.97
C TRP B 255 -16.59 -6.04 6.21
N GLY B 256 -16.04 -5.53 5.11
CA GLY B 256 -15.13 -6.30 4.28
C GLY B 256 -15.82 -7.46 3.58
N VAL B 257 -17.06 -7.24 3.13
CA VAL B 257 -17.82 -8.22 2.36
C VAL B 257 -18.41 -7.54 1.11
N PRO B 258 -18.94 -8.32 0.17
CA PRO B 258 -19.42 -7.75 -1.11
C PRO B 258 -20.61 -6.78 -1.01
N HIS B 259 -21.30 -6.73 0.14
CA HIS B 259 -22.49 -5.90 0.26
C HIS B 259 -22.33 -4.66 1.15
N TRP B 260 -22.79 -3.52 0.64
CA TRP B 260 -22.97 -2.31 1.44
C TRP B 260 -24.03 -1.41 0.80
N ASP B 261 -24.69 -0.58 1.61
CA ASP B 261 -25.67 0.39 1.11
C ASP B 261 -25.07 1.77 0.82
N PHE B 262 -24.04 2.16 1.56
CA PHE B 262 -23.32 3.40 1.30
C PHE B 262 -21.87 3.29 1.75
N LYS B 263 -21.00 4.05 1.10
CA LYS B 263 -19.57 4.06 1.42
C LYS B 263 -19.22 5.16 2.43
N THR B 264 -18.04 5.08 3.03
CA THR B 264 -17.61 6.05 4.04
C THR B 264 -16.21 6.58 3.76
N ALA B 265 -15.82 7.65 4.45
CA ALA B 265 -14.55 8.33 4.16
C ALA B 265 -14.04 9.23 5.30
N GLU B 266 -12.72 9.40 5.35
CA GLU B 266 -12.06 10.27 6.33
C GLU B 266 -10.91 11.04 5.68
N LEU B 275 -18.53 12.64 -10.46
CA LEU B 275 -19.66 12.41 -9.58
C LEU B 275 -19.87 10.91 -9.34
N PRO B 276 -19.85 10.46 -8.09
CA PRO B 276 -20.14 9.05 -7.78
C PRO B 276 -21.58 8.64 -8.09
N GLY B 277 -21.77 7.41 -8.56
CA GLY B 277 -23.10 6.86 -8.82
C GLY B 277 -23.69 6.21 -7.58
N TYR B 278 -22.81 5.85 -6.64
CA TYR B 278 -23.22 5.27 -5.37
C TYR B 278 -23.32 6.35 -4.30
N LYS B 279 -23.94 6.02 -3.17
CA LYS B 279 -24.11 6.93 -2.06
C LYS B 279 -22.95 6.77 -1.09
N TRP B 280 -22.45 7.88 -0.55
CA TRP B 280 -21.35 7.87 0.41
C TRP B 280 -21.58 8.86 1.54
N GLU B 281 -20.69 8.84 2.52
CA GLU B 281 -20.84 9.62 3.74
C GLU B 281 -19.47 10.02 4.27
N PHE B 282 -19.20 11.32 4.28
CA PHE B 282 -17.99 11.87 4.89
C PHE B 282 -18.20 12.01 6.40
N THR B 283 -17.29 11.44 7.18
CA THR B 283 -17.33 11.60 8.63
C THR B 283 -16.13 12.41 9.11
N ARG B 284 -16.43 13.41 9.93
CA ARG B 284 -15.39 14.19 10.60
C ARG B 284 -15.91 14.77 11.92
N GLY B 285 -15.00 15.08 12.82
CA GLY B 285 -15.36 15.72 14.08
C GLY B 285 -15.39 17.23 13.97
N ILE B 286 -15.99 17.87 14.96
CA ILE B 286 -15.93 19.32 15.05
C ILE B 286 -14.47 19.71 15.27
N GLY B 287 -13.78 18.94 16.11
CA GLY B 287 -12.34 19.07 16.29
C GLY B 287 -11.58 18.03 15.50
N LEU B 288 -10.37 17.72 15.96
CA LEU B 288 -9.55 16.68 15.35
C LEU B 288 -9.87 15.30 15.97
N SER B 289 -9.94 15.26 17.30
CA SER B 289 -10.31 14.04 18.03
C SER B 289 -11.81 13.72 17.89
N PHE B 290 -12.14 12.45 18.02
CA PHE B 290 -13.53 12.00 17.98
C PHE B 290 -14.11 11.92 19.39
N GLY B 291 -13.38 11.30 20.32
CA GLY B 291 -13.75 11.31 21.71
C GLY B 291 -13.39 12.65 22.34
N TYR B 292 -14.00 12.98 23.47
CA TYR B 292 -13.70 14.23 24.16
C TYR B 292 -12.21 14.35 24.51
N ASN B 293 -11.61 15.48 24.15
CA ASN B 293 -10.21 15.78 24.47
C ASN B 293 -10.11 17.16 25.14
N ARG B 294 -9.54 17.21 26.34
CA ARG B 294 -9.39 18.48 27.08
C ARG B 294 -8.23 19.26 26.48
N ASN B 295 -7.14 18.55 26.18
CA ASN B 295 -5.95 19.13 25.55
C ASN B 295 -6.22 19.86 24.23
N GLU B 296 -7.38 19.60 23.61
CA GLU B 296 -7.75 20.24 22.35
C GLU B 296 -8.04 21.73 22.52
N GLY B 297 -7.22 22.56 21.90
CA GLY B 297 -7.44 24.01 21.94
C GLY B 297 -8.71 24.41 21.20
N PRO B 298 -9.16 25.65 21.37
CA PRO B 298 -10.32 26.17 20.61
C PRO B 298 -9.94 26.55 19.16
N GLU B 299 -8.71 26.26 18.75
CA GLU B 299 -8.25 26.48 17.37
C GLU B 299 -7.71 25.16 16.79
N HIS B 300 -8.30 24.06 17.26
CA HIS B 300 -8.16 22.76 16.62
C HIS B 300 -9.53 22.37 16.04
N MET B 301 -10.51 23.26 16.24
CA MET B 301 -11.89 23.05 15.83
C MET B 301 -12.28 23.93 14.66
N LEU B 302 -13.23 23.44 13.87
CA LEU B 302 -13.73 24.16 12.71
C LEU B 302 -14.67 25.28 13.15
N SER B 303 -14.67 26.38 12.40
CA SER B 303 -15.62 27.46 12.63
C SER B 303 -16.96 27.04 12.05
N VAL B 304 -18.01 27.79 12.37
CA VAL B 304 -19.34 27.52 11.82
C VAL B 304 -19.28 27.63 10.29
N GLU B 305 -18.51 28.60 9.81
CA GLU B 305 -18.32 28.81 8.37
C GLU B 305 -17.72 27.59 7.68
N GLN B 306 -16.70 26.99 8.29
CA GLN B 306 -16.02 25.82 7.72
C GLN B 306 -16.88 24.58 7.75
N LEU B 307 -17.76 24.48 8.75
CA LEU B 307 -18.70 23.37 8.89
C LEU B 307 -19.79 23.43 7.82
N VAL B 308 -20.26 24.63 7.52
CA VAL B 308 -21.26 24.86 6.47
C VAL B 308 -20.65 24.62 5.10
N TYR B 309 -19.43 25.08 4.91
CA TYR B 309 -18.71 24.89 3.65
C TYR B 309 -18.47 23.40 3.37
N THR B 310 -18.18 22.65 4.44
CA THR B 310 -17.98 21.21 4.33
C THR B 310 -19.28 20.53 3.95
N LEU B 311 -20.36 20.93 4.61
CA LEU B 311 -21.69 20.35 4.40
C LEU B 311 -22.13 20.52 2.94
N VAL B 312 -21.93 21.72 2.42
CA VAL B 312 -22.35 22.06 1.07
C VAL B 312 -21.50 21.34 0.04
N ASP B 313 -20.19 21.27 0.29
CA ASP B 313 -19.25 20.60 -0.61
C ASP B 313 -19.58 19.12 -0.72
N VAL B 314 -19.70 18.48 0.45
CA VAL B 314 -20.04 17.06 0.56
C VAL B 314 -21.39 16.73 -0.10
N VAL B 315 -22.40 17.55 0.18
CA VAL B 315 -23.77 17.32 -0.29
C VAL B 315 -23.93 17.52 -1.79
N SER B 316 -23.12 18.42 -2.35
CA SER B 316 -23.13 18.69 -3.79
C SER B 316 -22.41 17.58 -4.58
N LYS B 317 -21.71 16.71 -3.85
CA LYS B 317 -21.00 15.58 -4.44
C LYS B 317 -21.69 14.24 -4.16
N GLY B 318 -22.93 14.31 -3.68
CA GLY B 318 -23.76 13.13 -3.46
C GLY B 318 -23.64 12.52 -2.09
N GLY B 319 -22.81 13.10 -1.22
CA GLY B 319 -22.55 12.56 0.10
C GLY B 319 -23.42 13.13 1.22
N ASN B 320 -23.37 12.45 2.36
CA ASN B 320 -23.92 12.95 3.62
C ASN B 320 -22.76 13.35 4.53
N LEU B 321 -23.02 14.23 5.47
CA LEU B 321 -22.04 14.63 6.47
C LEU B 321 -22.43 13.98 7.79
N LEU B 322 -21.49 13.25 8.38
CA LEU B 322 -21.67 12.68 9.71
C LEU B 322 -20.73 13.45 10.64
N LEU B 323 -21.25 14.48 11.28
CA LEU B 323 -20.46 15.33 12.16
C LEU B 323 -20.38 14.79 13.58
N ASN B 324 -19.17 14.53 14.05
CA ASN B 324 -18.99 13.91 15.36
C ASN B 324 -19.03 14.90 16.51
N VAL B 325 -19.54 14.41 17.63
CA VAL B 325 -19.60 15.14 18.89
C VAL B 325 -18.93 14.23 19.92
N GLY B 326 -18.05 14.81 20.75
CA GLY B 326 -17.37 14.08 21.79
C GLY B 326 -17.73 14.61 23.17
N PRO B 327 -18.81 14.10 23.74
CA PRO B 327 -19.23 14.54 25.08
C PRO B 327 -18.30 14.06 26.19
N LYS B 328 -18.35 14.76 27.33
CA LYS B 328 -17.59 14.41 28.52
C LYS B 328 -18.18 13.19 29.20
N GLY B 329 -17.45 12.63 30.16
CA GLY B 329 -17.87 11.47 30.89
C GLY B 329 -19.10 11.66 31.77
N ASP B 330 -19.41 12.92 32.12
CA ASP B 330 -20.57 13.23 32.96
C ASP B 330 -21.86 13.38 32.16
N GLY B 331 -21.77 13.35 30.83
CA GLY B 331 -22.94 13.38 29.97
C GLY B 331 -23.30 14.74 29.40
N THR B 332 -22.37 15.68 29.44
CA THR B 332 -22.60 17.01 28.86
C THR B 332 -21.76 17.16 27.61
N ILE B 333 -22.25 17.96 26.67
CA ILE B 333 -21.51 18.26 25.45
C ILE B 333 -20.82 19.60 25.68
N PRO B 334 -19.50 19.65 25.50
CA PRO B 334 -18.73 20.89 25.67
C PRO B 334 -19.37 22.10 24.99
N ASP B 335 -19.38 23.24 25.65
CA ASP B 335 -20.04 24.43 25.12
C ASP B 335 -19.54 24.82 23.73
N LEU B 336 -18.25 24.68 23.47
CA LEU B 336 -17.67 24.97 22.15
C LEU B 336 -18.33 24.13 21.04
N GLN B 337 -18.61 22.87 21.34
CA GLN B 337 -19.27 21.97 20.39
C GLN B 337 -20.76 22.29 20.21
N LYS B 338 -21.48 22.50 21.31
CA LYS B 338 -22.87 22.96 21.29
C LYS B 338 -23.01 24.21 20.41
N GLU B 339 -22.08 25.14 20.56
CA GLU B 339 -22.08 26.42 19.84
C GLU B 339 -22.00 26.20 18.33
N ARG B 340 -21.08 25.34 17.92
CA ARG B 340 -20.86 25.09 16.49
C ARG B 340 -22.05 24.35 15.86
N LEU B 341 -22.71 23.51 16.65
CA LEU B 341 -23.89 22.76 16.18
C LEU B 341 -25.08 23.69 15.96
N LEU B 342 -25.34 24.56 16.93
CA LEU B 342 -26.46 25.49 16.88
C LEU B 342 -26.28 26.51 15.76
N GLY B 343 -25.05 26.95 15.56
CA GLY B 343 -24.72 27.87 14.49
C GLY B 343 -24.89 27.25 13.11
N LEU B 344 -24.63 25.95 13.02
CA LEU B 344 -24.85 25.21 11.77
C LEU B 344 -26.34 25.05 11.49
N GLY B 345 -27.12 24.83 12.55
CA GLY B 345 -28.56 24.65 12.45
C GLY B 345 -29.30 25.94 12.18
N GLU B 346 -28.74 27.07 12.59
CA GLU B 346 -29.28 28.37 12.28
C GLU B 346 -29.12 28.62 10.78
N TRP B 347 -28.00 28.19 10.24
CA TRP B 347 -27.75 28.29 8.80
C TRP B 347 -28.66 27.35 8.02
N LEU B 348 -28.85 26.13 8.54
CA LEU B 348 -29.68 25.12 7.87
C LEU B 348 -31.16 25.48 7.95
N ARG B 349 -31.55 26.26 8.96
CA ARG B 349 -32.93 26.69 9.10
C ARG B 349 -33.30 27.65 7.97
N LYS B 350 -32.33 28.47 7.55
CA LYS B 350 -32.55 29.42 6.44
C LYS B 350 -32.40 28.76 5.07
N TYR B 351 -31.33 27.99 4.89
CA TYR B 351 -30.96 27.44 3.57
C TYR B 351 -31.19 25.94 3.45
N GLY B 352 -32.06 25.39 4.30
CA GLY B 352 -32.31 23.96 4.32
C GLY B 352 -32.95 23.42 3.06
N ASP B 353 -33.73 24.25 2.37
CA ASP B 353 -34.43 23.84 1.15
C ASP B 353 -33.46 23.50 -0.01
N ALA B 354 -32.24 24.05 0.06
CA ALA B 354 -31.21 23.83 -0.96
C ALA B 354 -30.25 22.68 -0.61
N ILE B 355 -30.56 21.94 0.45
CA ILE B 355 -29.69 20.88 0.93
C ILE B 355 -30.50 19.59 1.11
N TYR B 356 -31.43 19.59 2.05
CA TYR B 356 -32.31 18.44 2.31
C TYR B 356 -33.06 18.04 1.05
N GLY B 357 -33.06 16.75 0.75
CA GLY B 357 -33.84 16.21 -0.36
C GLY B 357 -33.34 16.60 -1.74
N THR B 358 -32.05 16.94 -1.84
CA THR B 358 -31.45 17.33 -3.12
C THR B 358 -30.66 16.19 -3.74
N SER B 359 -30.53 16.25 -5.07
CA SER B 359 -29.67 15.35 -5.83
C SER B 359 -28.50 16.14 -6.36
N VAL B 360 -27.53 15.45 -6.96
CA VAL B 360 -26.42 16.11 -7.64
C VAL B 360 -26.92 16.72 -8.95
N TRP B 361 -26.27 17.80 -9.38
CA TRP B 361 -26.52 18.40 -10.68
C TRP B 361 -25.62 17.74 -11.72
N GLU B 362 -25.65 18.26 -12.95
CA GLU B 362 -24.73 17.84 -14.02
C GLU B 362 -23.27 17.91 -13.60
N ARG B 363 -22.92 18.90 -12.77
CA ARG B 363 -21.56 19.02 -12.24
C ARG B 363 -21.55 19.43 -10.77
N CYS B 364 -20.45 19.06 -10.11
CA CYS B 364 -20.26 19.33 -8.69
C CYS B 364 -20.01 20.81 -8.41
N CYS B 365 -18.95 21.33 -9.01
CA CYS B 365 -18.35 22.59 -8.58
C CYS B 365 -18.15 23.60 -9.71
N ALA B 366 -17.77 24.80 -9.31
CA ALA B 366 -17.55 25.93 -10.21
C ALA B 366 -16.94 27.08 -9.42
N LYS B 367 -16.29 28.01 -10.11
CA LYS B 367 -15.71 29.18 -9.43
C LYS B 367 -16.04 30.47 -10.19
N THR B 368 -15.88 31.60 -9.51
CA THR B 368 -16.04 32.90 -10.15
C THR B 368 -14.71 33.41 -10.69
N GLU B 369 -14.78 34.46 -11.50
CA GLU B 369 -13.60 35.14 -12.01
C GLU B 369 -12.80 35.71 -10.85
N ASP B 370 -13.51 36.16 -9.82
CA ASP B 370 -12.92 36.66 -8.58
C ASP B 370 -12.10 35.57 -7.84
N GLY B 371 -12.68 34.38 -7.72
CA GLY B 371 -12.03 33.28 -7.01
C GLY B 371 -12.94 32.43 -6.14
N THR B 372 -14.09 33.00 -5.74
CA THR B 372 -15.03 32.34 -4.83
C THR B 372 -15.60 31.04 -5.41
N GLU B 373 -15.46 29.94 -4.66
CA GLU B 373 -15.92 28.62 -5.09
C GLU B 373 -17.44 28.50 -5.00
N ILE B 374 -18.01 27.66 -5.85
CA ILE B 374 -19.46 27.49 -5.98
C ILE B 374 -19.81 26.00 -6.06
N ARG B 375 -20.93 25.63 -5.46
CA ARG B 375 -21.41 24.25 -5.48
C ARG B 375 -22.87 24.20 -5.93
N PHE B 376 -23.23 23.11 -6.60
CA PHE B 376 -24.57 22.96 -7.18
C PHE B 376 -25.32 21.79 -6.57
N THR B 377 -26.57 22.05 -6.18
CA THR B 377 -27.51 21.01 -5.77
C THR B 377 -28.79 21.15 -6.59
N ARG B 378 -29.39 20.02 -6.95
CA ARG B 378 -30.61 19.99 -7.77
C ARG B 378 -31.80 19.57 -6.90
N LYS B 379 -32.98 19.99 -7.31
CA LYS B 379 -34.22 19.55 -6.70
C LYS B 379 -35.30 19.58 -7.79
N CYS B 380 -35.26 18.57 -8.66
CA CYS B 380 -36.08 18.52 -9.87
C CYS B 380 -35.64 19.58 -10.88
N ASN B 381 -36.53 20.50 -11.23
CA ASN B 381 -36.24 21.54 -12.22
C ASN B 381 -35.48 22.75 -11.63
N ARG B 382 -35.41 22.82 -10.31
CA ARG B 382 -34.61 23.84 -9.63
C ARG B 382 -33.13 23.43 -9.64
N ILE B 383 -32.26 24.43 -9.63
CA ILE B 383 -30.82 24.20 -9.50
C ILE B 383 -30.30 25.29 -8.56
N PHE B 384 -30.01 24.90 -7.32
CA PHE B 384 -29.46 25.82 -6.34
C PHE B 384 -27.99 26.08 -6.60
N VAL B 385 -27.60 27.35 -6.53
CA VAL B 385 -26.22 27.77 -6.76
C VAL B 385 -25.65 28.36 -5.46
N ILE B 386 -24.89 27.54 -4.73
CA ILE B 386 -24.44 27.89 -3.39
C ILE B 386 -22.98 28.38 -3.39
N PHE B 387 -22.80 29.68 -3.16
CA PHE B 387 -21.47 30.29 -3.10
C PHE B 387 -20.84 30.04 -1.73
N LEU B 388 -19.63 29.49 -1.72
CA LEU B 388 -18.88 29.30 -0.48
C LEU B 388 -18.25 30.64 -0.06
N GLY B 389 -19.05 31.46 0.61
CA GLY B 389 -18.70 32.84 0.90
C GLY B 389 -19.67 33.80 0.25
N ILE B 390 -19.62 35.07 0.64
CA ILE B 390 -20.50 36.11 0.12
C ILE B 390 -19.68 37.11 -0.69
N PRO B 391 -19.78 37.06 -2.02
CA PRO B 391 -19.07 38.01 -2.88
C PRO B 391 -19.34 39.47 -2.51
N THR B 392 -18.29 40.28 -2.50
CA THR B 392 -18.39 41.67 -2.05
C THR B 392 -18.88 42.60 -3.16
N GLY B 393 -18.93 42.11 -4.41
CA GLY B 393 -19.35 42.91 -5.55
C GLY B 393 -20.68 42.48 -6.11
N GLU B 394 -21.44 43.43 -6.65
CA GLU B 394 -22.74 43.14 -7.24
C GLU B 394 -22.60 42.35 -8.55
N LYS B 395 -21.66 42.78 -9.39
CA LYS B 395 -21.37 42.09 -10.65
C LYS B 395 -20.58 40.80 -10.39
N ILE B 396 -21.25 39.66 -10.52
CA ILE B 396 -20.64 38.35 -10.31
C ILE B 396 -20.51 37.60 -11.64
N VAL B 397 -19.29 37.17 -11.96
CA VAL B 397 -19.01 36.42 -13.17
C VAL B 397 -18.63 34.98 -12.84
N ILE B 398 -19.49 34.03 -13.19
CA ILE B 398 -19.22 32.59 -12.95
C ILE B 398 -18.57 31.95 -14.17
N GLU B 399 -17.39 31.35 -13.96
CA GLU B 399 -16.63 30.69 -15.02
C GLU B 399 -17.29 29.42 -15.56
N ASP B 400 -16.97 29.10 -16.82
CA ASP B 400 -17.42 27.88 -17.51
C ASP B 400 -18.86 27.41 -17.19
N LEU B 401 -19.80 28.33 -17.33
CA LEU B 401 -21.23 28.02 -17.18
C LEU B 401 -22.04 28.82 -18.21
N ASN B 402 -22.95 28.12 -18.89
CA ASN B 402 -23.96 28.78 -19.72
C ASN B 402 -25.33 28.18 -19.40
N LEU B 403 -26.11 28.90 -18.59
CA LEU B 403 -27.35 28.36 -18.01
C LEU B 403 -28.46 28.22 -19.05
N SER B 404 -29.36 27.26 -18.81
CA SER B 404 -30.51 27.01 -19.67
C SER B 404 -31.53 28.15 -19.55
N ALA B 405 -31.40 29.15 -20.43
CA ALA B 405 -32.20 30.38 -20.41
C ALA B 405 -33.55 30.27 -19.70
N GLY B 406 -33.54 30.52 -18.39
CA GLY B 406 -34.73 30.42 -17.56
C GLY B 406 -34.97 31.68 -16.74
N THR B 407 -35.01 31.53 -15.41
CA THR B 407 -35.26 32.65 -14.50
C THR B 407 -34.44 32.47 -13.21
N VAL B 408 -33.30 33.15 -13.12
CA VAL B 408 -32.42 33.07 -11.95
C VAL B 408 -32.85 34.07 -10.88
N ARG B 409 -33.14 33.58 -9.67
CA ARG B 409 -33.62 34.41 -8.58
C ARG B 409 -32.82 34.24 -7.29
N HIS B 410 -32.69 35.34 -6.56
CA HIS B 410 -32.23 35.37 -5.17
C HIS B 410 -33.08 34.44 -4.33
N PHE B 411 -32.44 33.61 -3.52
CA PHE B 411 -33.14 32.55 -2.79
C PHE B 411 -33.88 33.04 -1.54
N LEU B 412 -33.16 33.72 -0.66
CA LEU B 412 -33.68 34.05 0.68
C LEU B 412 -34.82 35.08 0.68
N THR B 413 -34.80 36.00 -0.27
CA THR B 413 -35.85 37.02 -0.41
C THR B 413 -36.82 36.69 -1.57
N GLY B 414 -36.36 35.88 -2.52
CA GLY B 414 -37.15 35.47 -3.66
C GLY B 414 -37.02 36.37 -4.87
N GLU B 415 -36.41 37.54 -4.69
CA GLU B 415 -36.42 38.60 -5.70
C GLU B 415 -35.70 38.20 -7.00
N ARG B 416 -36.34 38.49 -8.14
CA ARG B 416 -35.80 38.11 -9.45
C ARG B 416 -34.52 38.89 -9.75
N LEU B 417 -33.67 38.31 -10.59
CA LEU B 417 -32.36 38.90 -10.90
C LEU B 417 -32.03 38.81 -12.39
N SER B 418 -31.34 39.82 -12.90
CA SER B 418 -30.94 39.86 -14.31
C SER B 418 -29.63 39.11 -14.52
N PHE B 419 -29.53 38.44 -15.66
CA PHE B 419 -28.34 37.65 -16.00
C PHE B 419 -28.25 37.42 -17.51
N LYS B 420 -27.04 37.35 -18.02
CA LYS B 420 -26.80 37.06 -19.43
C LYS B 420 -25.65 36.08 -19.60
N ASN B 421 -25.62 35.40 -20.75
CA ASN B 421 -24.51 34.52 -21.10
C ASN B 421 -23.41 35.32 -21.79
N VAL B 422 -22.16 34.89 -21.62
CA VAL B 422 -20.98 35.56 -22.20
C VAL B 422 -19.94 34.51 -22.57
N GLY B 423 -19.87 34.18 -23.86
CA GLY B 423 -18.95 33.17 -24.35
C GLY B 423 -19.10 31.85 -23.62
N LYS B 424 -18.18 31.59 -22.69
CA LYS B 424 -18.21 30.39 -21.85
C LYS B 424 -18.64 30.67 -20.42
N ASN B 425 -18.40 31.90 -19.94
CA ASN B 425 -18.79 32.32 -18.59
C ASN B 425 -20.25 32.80 -18.52
N LEU B 426 -20.72 33.09 -17.31
CA LEU B 426 -22.10 33.55 -17.07
C LEU B 426 -22.09 34.77 -16.15
N GLU B 427 -22.49 35.92 -16.68
CA GLU B 427 -22.57 37.15 -15.90
C GLU B 427 -23.94 37.27 -15.23
N ILE B 428 -23.97 37.93 -14.07
CA ILE B 428 -25.19 38.05 -13.28
C ILE B 428 -25.03 39.13 -12.21
N THR B 429 -25.96 40.08 -12.19
CA THR B 429 -25.94 41.15 -11.20
C THR B 429 -26.87 40.81 -10.03
N VAL B 430 -26.35 40.99 -8.81
CA VAL B 430 -27.12 40.81 -7.59
C VAL B 430 -26.91 42.05 -6.70
N PRO B 431 -27.93 42.89 -6.53
CA PRO B 431 -27.80 44.11 -5.74
C PRO B 431 -27.19 43.87 -4.35
N LYS B 432 -26.48 44.88 -3.84
CA LYS B 432 -25.80 44.77 -2.54
C LYS B 432 -26.78 44.67 -1.37
N LYS B 433 -27.98 45.21 -1.54
CA LYS B 433 -29.03 45.16 -0.52
C LYS B 433 -29.44 43.73 -0.21
N LEU B 434 -29.26 42.84 -1.18
CA LEU B 434 -29.56 41.42 -1.03
C LEU B 434 -28.40 40.60 -0.48
N LEU B 435 -27.17 41.01 -0.78
CA LEU B 435 -25.98 40.34 -0.27
C LEU B 435 -25.88 40.42 1.26
N GLU B 436 -26.30 41.56 1.80
CA GLU B 436 -26.25 41.83 3.24
C GLU B 436 -27.24 40.98 4.05
N THR B 437 -28.28 40.48 3.38
CA THR B 437 -29.26 39.61 4.03
C THR B 437 -28.69 38.22 4.23
N ASP B 438 -27.97 37.72 3.24
CA ASP B 438 -27.42 36.37 3.27
C ASP B 438 -26.39 36.20 4.39
N SER B 439 -26.47 35.08 5.11
CA SER B 439 -25.51 34.75 6.16
C SER B 439 -24.60 33.62 5.72
N ILE B 440 -23.29 33.88 5.73
CA ILE B 440 -22.23 32.91 5.37
C ILE B 440 -22.13 32.60 3.87
N THR B 441 -23.23 32.17 3.26
CA THR B 441 -23.25 31.85 1.84
C THR B 441 -24.34 32.63 1.11
N LEU B 442 -23.96 33.29 0.01
CA LEU B 442 -24.95 33.76 -0.95
C LEU B 442 -25.46 32.51 -1.67
N VAL B 443 -26.77 32.38 -1.84
CA VAL B 443 -27.30 31.31 -2.68
C VAL B 443 -28.37 31.84 -3.64
N LEU B 444 -28.26 31.40 -4.89
CA LEU B 444 -29.20 31.76 -5.96
C LEU B 444 -30.02 30.51 -6.29
N GLU B 445 -30.85 30.59 -7.34
CA GLU B 445 -31.72 29.48 -7.72
C GLU B 445 -32.30 29.67 -9.13
N ALA B 446 -31.80 28.87 -10.08
CA ALA B 446 -32.28 28.90 -11.47
C ALA B 446 -33.45 27.94 -11.67
N VAL B 447 -34.10 28.05 -12.83
CA VAL B 447 -35.26 27.23 -13.16
C VAL B 447 -35.13 26.66 -14.57
C1 FUL C . 10.79 -7.67 -13.27
C2 FUL C . 10.46 -7.65 -14.75
O2 FUL C . 9.26 -6.93 -14.97
C3 FUL C . 11.61 -7.01 -15.52
O3 FUL C . 11.33 -7.08 -16.88
C4 FUL C . 12.90 -7.74 -15.21
O4 FUL C . 12.85 -9.04 -15.77
C5 FUL C . 13.12 -7.80 -13.69
C6 FUL C . 14.36 -8.60 -13.31
O5 FUL C . 12.00 -8.36 -13.04
O1 FUL C . 9.75 -8.35 -12.59
C1 FUL D . -12.16 5.15 12.85
C2 FUL D . -11.85 4.87 14.32
O2 FUL D . -10.55 4.37 14.46
C3 FUL D . -12.01 6.16 15.11
O3 FUL D . -11.77 5.88 16.47
C4 FUL D . -13.42 6.70 14.92
O4 FUL D . -14.35 5.82 15.49
C5 FUL D . -13.68 6.90 13.42
C6 FUL D . -15.10 7.39 13.14
O5 FUL D . -13.46 5.69 12.72
O1 FUL D . -12.08 3.94 12.15
#